data_6YUD
#
_entry.id   6YUD
#
_cell.length_a   193.969
_cell.length_b   60.364
_cell.length_c   107.085
_cell.angle_alpha   90.000
_cell.angle_beta   116.470
_cell.angle_gamma   90.000
#
_symmetry.space_group_name_H-M   'C 1 2 1'
#
loop_
_entity.id
_entity.type
_entity.pdbx_description
1 polymer 'Uncharacterized protein AF_1864'
2 polymer 'Cyclic tetraadenosine monophosphate (cA4)'
3 water water
#
loop_
_entity_poly.entity_id
_entity_poly.type
_entity_poly.pdbx_seq_one_letter_code
_entity_poly.pdbx_strand_id
1 'polypeptide(L)'
;GANAMASMKFAVIDRKNFTLIHFEIEKPIKPEILKEIEIPSVDTRKGVVISGRGPIWLHCFLAHKYAHTPFVAVYDPRLG
AVVVQSHSELREGDVIDVVVEEILKGGVRHV
;
A,B,C,D,E,F,G,H,I,J
2 'polyribonucleotide' AAAA K,M,O,P,Q
#
loop_
_chem_comp.id
_chem_comp.type
_chem_comp.name
_chem_comp.formula
A RNA linking ADENOSINE-5'-MONOPHOSPHATE 'C10 H14 N5 O7 P'
#
# COMPACT_ATOMS: atom_id res chain seq x y z
N ALA A 6 -25.42 -6.45 -20.14
CA ALA A 6 -25.80 -7.89 -20.02
C ALA A 6 -24.56 -8.75 -19.69
N SER A 7 -23.37 -8.35 -20.16
CA SER A 7 -22.06 -8.95 -19.76
C SER A 7 -21.61 -8.42 -18.39
N MET A 8 -22.24 -7.34 -17.90
CA MET A 8 -21.73 -6.54 -16.74
C MET A 8 -22.87 -5.85 -15.97
N LYS A 9 -22.74 -5.74 -14.63
CA LYS A 9 -23.73 -5.07 -13.77
C LYS A 9 -23.02 -4.35 -12.61
N PHE A 10 -23.59 -3.21 -12.19
CA PHE A 10 -23.08 -2.35 -11.11
C PHE A 10 -23.99 -2.46 -9.92
N ALA A 11 -23.38 -2.55 -8.74
CA ALA A 11 -23.99 -2.30 -7.43
C ALA A 11 -23.43 -0.99 -6.90
N VAL A 12 -24.32 -0.07 -6.52
CA VAL A 12 -23.96 1.27 -6.01
C VAL A 12 -24.36 1.30 -4.56
N ILE A 13 -23.40 1.44 -3.65
CA ILE A 13 -23.66 1.45 -2.19
C ILE A 13 -23.18 2.79 -1.61
N ASP A 14 -24.07 3.47 -0.89
CA ASP A 14 -23.82 4.78 -0.26
C ASP A 14 -23.08 4.57 1.07
N ARG A 15 -22.03 5.34 1.29
CA ARG A 15 -21.30 5.39 2.59
C ARG A 15 -21.09 6.86 2.89
N LYS A 16 -20.69 7.19 4.13
CA LYS A 16 -20.60 8.59 4.63
C LYS A 16 -19.65 9.38 3.73
N ASN A 17 -18.49 8.79 3.43
CA ASN A 17 -17.29 9.48 2.88
C ASN A 17 -17.07 9.09 1.42
N PHE A 18 -17.81 8.11 0.89
CA PHE A 18 -17.67 7.69 -0.52
C PHE A 18 -18.93 6.99 -0.99
N THR A 19 -19.03 6.86 -2.29
CA THR A 19 -19.91 5.87 -2.95
C THR A 19 -19.04 4.68 -3.37
N LEU A 20 -19.44 3.46 -2.96
CA LEU A 20 -18.88 2.20 -3.47
C LEU A 20 -19.55 1.87 -4.79
N ILE A 21 -18.78 1.73 -5.87
CA ILE A 21 -19.27 1.21 -7.18
C ILE A 21 -18.65 -0.17 -7.38
N HIS A 22 -19.44 -1.23 -7.37
CA HIS A 22 -18.92 -2.62 -7.49
C HIS A 22 -19.49 -3.20 -8.78
N PHE A 23 -18.64 -3.65 -9.73
CA PHE A 23 -19.12 -4.30 -10.97
C PHE A 23 -18.98 -5.82 -10.84
N GLU A 24 -19.86 -6.53 -11.53
CA GLU A 24 -19.90 -8.00 -11.62
C GLU A 24 -19.95 -8.29 -13.11
N ILE A 25 -18.91 -8.94 -13.62
CA ILE A 25 -18.82 -9.42 -15.02
C ILE A 25 -19.39 -10.85 -15.03
N GLU A 26 -20.39 -11.10 -15.87
CA GLU A 26 -21.03 -12.43 -16.04
C GLU A 26 -20.18 -13.28 -16.98
N LYS A 27 -19.72 -12.69 -18.10
CA LYS A 27 -18.94 -13.38 -19.15
C LYS A 27 -17.83 -12.45 -19.64
N PRO A 28 -16.72 -13.01 -20.18
CA PRO A 28 -15.55 -12.20 -20.52
C PRO A 28 -15.96 -11.03 -21.41
N ILE A 29 -15.45 -9.86 -21.11
CA ILE A 29 -15.79 -8.61 -21.86
C ILE A 29 -14.69 -8.33 -22.90
N LYS A 30 -15.08 -7.59 -23.92
CA LYS A 30 -14.21 -7.09 -24.98
C LYS A 30 -14.07 -5.59 -24.77
N PRO A 31 -12.97 -4.97 -25.21
CA PRO A 31 -12.77 -3.54 -24.98
C PRO A 31 -13.82 -2.65 -25.67
N GLU A 32 -14.40 -3.11 -26.78
CA GLU A 32 -15.52 -2.40 -27.47
CA GLU A 32 -15.53 -2.41 -27.47
C GLU A 32 -16.63 -2.03 -26.46
N ILE A 33 -16.72 -2.75 -25.33
CA ILE A 33 -17.77 -2.49 -24.29
C ILE A 33 -17.58 -1.08 -23.68
N LEU A 34 -16.35 -0.55 -23.61
CA LEU A 34 -16.11 0.79 -23.02
C LEU A 34 -16.93 1.84 -23.81
N LYS A 35 -17.19 1.62 -25.09
CA LYS A 35 -18.00 2.54 -25.94
C LYS A 35 -19.50 2.48 -25.57
N GLU A 36 -19.96 1.41 -24.92
CA GLU A 36 -21.41 1.09 -24.75
C GLU A 36 -21.83 1.19 -23.27
N ILE A 37 -20.91 1.01 -22.33
CA ILE A 37 -21.16 0.97 -20.86
C ILE A 37 -21.95 2.22 -20.43
N GLU A 38 -22.96 2.04 -19.60
CA GLU A 38 -23.62 3.16 -18.89
C GLU A 38 -23.04 3.18 -17.45
N ILE A 39 -22.33 4.26 -17.11
CA ILE A 39 -21.65 4.46 -15.80
C ILE A 39 -22.71 4.87 -14.78
N PRO A 40 -22.69 4.35 -13.52
CA PRO A 40 -23.55 4.91 -12.48
C PRO A 40 -23.30 6.41 -12.20
N SER A 41 -24.37 7.21 -12.12
CA SER A 41 -24.35 8.60 -11.58
C SER A 41 -24.14 8.52 -10.08
N VAL A 42 -23.34 9.42 -9.53
CA VAL A 42 -23.04 9.40 -8.07
C VAL A 42 -23.26 10.79 -7.52
N ASP A 43 -23.21 10.88 -6.21
CA ASP A 43 -23.10 12.18 -5.52
C ASP A 43 -21.68 12.69 -5.79
N THR A 44 -21.50 13.76 -6.57
CA THR A 44 -20.16 14.20 -7.03
C THR A 44 -19.45 14.96 -5.92
N ARG A 45 -20.12 15.16 -4.79
CA ARG A 45 -19.51 15.78 -3.60
C ARG A 45 -18.87 14.73 -2.70
N LYS A 46 -19.01 13.44 -3.02
CA LYS A 46 -18.29 12.33 -2.32
C LYS A 46 -17.33 11.64 -3.30
N GLY A 47 -16.20 11.16 -2.78
CA GLY A 47 -15.27 10.31 -3.53
C GLY A 47 -15.93 8.98 -3.88
N VAL A 48 -15.25 8.22 -4.71
CA VAL A 48 -15.73 6.93 -5.25
C VAL A 48 -14.67 5.85 -4.95
N VAL A 49 -15.15 4.68 -4.53
CA VAL A 49 -14.35 3.44 -4.39
C VAL A 49 -14.84 2.54 -5.50
N ILE A 50 -13.95 2.08 -6.38
CA ILE A 50 -14.31 1.17 -7.50
C ILE A 50 -13.81 -0.24 -7.14
N SER A 51 -14.69 -1.22 -7.29
CA SER A 51 -14.51 -2.62 -6.87
C SER A 51 -14.95 -3.54 -8.01
N GLY A 52 -14.28 -4.67 -8.18
CA GLY A 52 -14.75 -5.72 -9.09
C GLY A 52 -13.60 -6.51 -9.66
N ARG A 53 -13.88 -7.77 -9.97
CA ARG A 53 -12.97 -8.72 -10.67
C ARG A 53 -13.11 -8.46 -12.15
N GLY A 54 -12.12 -7.80 -12.74
CA GLY A 54 -12.22 -7.45 -14.16
C GLY A 54 -10.93 -6.83 -14.66
N PRO A 55 -10.81 -6.67 -15.98
CA PRO A 55 -9.52 -6.29 -16.55
C PRO A 55 -9.05 -4.91 -16.05
N ILE A 56 -7.73 -4.75 -16.00
CA ILE A 56 -7.05 -3.51 -15.50
C ILE A 56 -7.59 -2.32 -16.31
N TRP A 57 -7.83 -2.51 -17.62
CA TRP A 57 -8.35 -1.43 -18.51
C TRP A 57 -9.78 -1.03 -18.11
N LEU A 58 -10.61 -1.93 -17.60
CA LEU A 58 -11.98 -1.57 -17.13
C LEU A 58 -11.83 -0.68 -15.90
N HIS A 59 -10.99 -1.07 -14.96
CA HIS A 59 -10.69 -0.29 -13.74
C HIS A 59 -10.17 1.11 -14.13
N CYS A 60 -9.23 1.22 -15.06
CA CYS A 60 -8.60 2.52 -15.42
C CYS A 60 -9.67 3.37 -16.11
N PHE A 61 -10.50 2.76 -16.95
CA PHE A 61 -11.60 3.45 -17.63
C PHE A 61 -12.55 4.07 -16.58
N LEU A 62 -12.97 3.28 -15.61
CA LEU A 62 -13.96 3.72 -14.58
C LEU A 62 -13.34 4.78 -13.69
N ALA A 63 -12.07 4.60 -13.28
CA ALA A 63 -11.38 5.54 -12.39
C ALA A 63 -11.35 6.93 -13.06
N HIS A 64 -11.06 6.96 -14.36
CA HIS A 64 -11.05 8.22 -15.13
C HIS A 64 -12.46 8.84 -15.15
N LYS A 65 -13.51 8.02 -15.17
CA LYS A 65 -14.90 8.51 -15.33
C LYS A 65 -15.37 9.13 -14.02
N TYR A 66 -14.65 8.95 -12.90
CA TYR A 66 -15.02 9.59 -11.60
C TYR A 66 -13.97 10.62 -11.15
N ALA A 67 -13.10 11.06 -12.08
CA ALA A 67 -12.02 12.02 -11.81
C ALA A 67 -12.58 13.38 -11.38
N HIS A 68 -13.84 13.66 -11.67
CA HIS A 68 -14.54 14.93 -11.36
C HIS A 68 -15.04 14.91 -9.90
N THR A 69 -14.81 13.85 -9.12
CA THR A 69 -15.22 13.72 -7.69
C THR A 69 -14.01 14.03 -6.80
N PRO A 70 -14.20 14.17 -5.47
CA PRO A 70 -13.11 14.51 -4.58
C PRO A 70 -11.87 13.58 -4.59
N PHE A 71 -12.10 12.30 -4.80
CA PHE A 71 -11.03 11.27 -4.88
C PHE A 71 -11.58 10.01 -5.53
N VAL A 72 -10.65 9.21 -6.07
CA VAL A 72 -10.99 7.87 -6.57
C VAL A 72 -10.06 6.89 -5.85
N ALA A 73 -10.65 5.81 -5.36
CA ALA A 73 -9.93 4.73 -4.66
C ALA A 73 -10.28 3.43 -5.34
N VAL A 74 -9.30 2.56 -5.50
CA VAL A 74 -9.45 1.26 -6.17
C VAL A 74 -9.39 0.16 -5.11
N TYR A 75 -10.37 -0.71 -5.10
CA TYR A 75 -10.47 -1.74 -4.03
C TYR A 75 -9.41 -2.81 -4.31
N ASP A 76 -8.61 -3.12 -3.29
CA ASP A 76 -7.70 -4.30 -3.24
C ASP A 76 -8.20 -5.19 -2.10
N PRO A 77 -8.76 -6.39 -2.38
CA PRO A 77 -9.20 -7.30 -1.32
C PRO A 77 -8.17 -7.58 -0.23
N ARG A 78 -6.88 -7.36 -0.50
CA ARG A 78 -5.77 -7.60 0.46
C ARG A 78 -5.66 -6.48 1.51
N LEU A 79 -6.22 -5.29 1.24
CA LEU A 79 -5.74 -4.04 1.92
C LEU A 79 -6.91 -3.14 2.34
N GLY A 80 -7.95 -3.03 1.52
CA GLY A 80 -8.89 -1.90 1.52
C GLY A 80 -8.83 -1.14 0.21
N ALA A 81 -9.31 0.10 0.18
CA ALA A 81 -9.42 0.87 -1.06
C ALA A 81 -8.24 1.81 -1.10
N VAL A 82 -7.39 1.64 -2.10
CA VAL A 82 -6.18 2.48 -2.30
C VAL A 82 -6.59 3.75 -3.05
N VAL A 83 -6.27 4.90 -2.47
CA VAL A 83 -6.54 6.20 -3.16
C VAL A 83 -5.55 6.34 -4.33
N VAL A 84 -6.06 6.41 -5.56
CA VAL A 84 -5.19 6.52 -6.77
C VAL A 84 -5.28 7.93 -7.35
N GLN A 85 -6.31 8.69 -7.01
CA GLN A 85 -6.49 10.11 -7.43
C GLN A 85 -7.05 10.87 -6.22
N SER A 86 -6.43 11.99 -5.89
CA SER A 86 -6.89 12.91 -4.83
C SER A 86 -7.03 14.28 -5.47
N HIS A 87 -8.23 14.79 -5.59
CA HIS A 87 -8.49 16.11 -6.24
C HIS A 87 -8.60 17.12 -5.11
N SER A 88 -9.45 16.80 -4.14
CA SER A 88 -9.87 17.75 -3.08
C SER A 88 -9.74 17.10 -1.70
N GLU A 89 -9.53 15.79 -1.62
CA GLU A 89 -9.58 15.05 -0.34
C GLU A 89 -8.56 13.90 -0.39
N LEU A 90 -8.03 13.50 0.79
CA LEU A 90 -7.18 12.29 1.02
C LEU A 90 -5.86 12.48 0.26
N ARG A 91 -4.92 11.54 0.36
CA ARG A 91 -3.69 11.57 -0.48
C ARG A 91 -3.57 10.26 -1.27
N GLU A 92 -3.01 10.33 -2.48
CA GLU A 92 -2.64 9.11 -3.23
C GLU A 92 -1.84 8.19 -2.31
N GLY A 93 -2.18 6.91 -2.30
CA GLY A 93 -1.46 5.94 -1.46
C GLY A 93 -2.12 5.69 -0.13
N ASP A 94 -3.04 6.55 0.32
CA ASP A 94 -3.88 6.33 1.53
C ASP A 94 -4.79 5.12 1.25
N VAL A 95 -5.10 4.36 2.30
CA VAL A 95 -5.95 3.15 2.23
C VAL A 95 -7.23 3.43 3.03
N ILE A 96 -8.37 3.30 2.39
CA ILE A 96 -9.69 3.34 3.09
C ILE A 96 -10.00 1.94 3.61
N ASP A 97 -10.35 1.83 4.88
CA ASP A 97 -10.62 0.54 5.53
C ASP A 97 -12.05 0.15 5.20
N VAL A 98 -12.21 -0.55 4.09
CA VAL A 98 -13.52 -1.05 3.62
C VAL A 98 -13.32 -2.52 3.26
N VAL A 99 -14.26 -3.37 3.67
CA VAL A 99 -14.29 -4.82 3.30
C VAL A 99 -15.54 -5.05 2.44
N VAL A 100 -15.37 -4.98 1.13
CA VAL A 100 -16.43 -5.09 0.11
C VAL A 100 -17.08 -6.48 0.16
N GLU A 101 -16.30 -7.52 0.44
CA GLU A 101 -16.86 -8.90 0.46
C GLU A 101 -17.95 -8.96 1.54
N GLU A 102 -17.74 -8.27 2.67
CA GLU A 102 -18.67 -8.31 3.83
C GLU A 102 -19.93 -7.52 3.48
N ILE A 103 -19.80 -6.43 2.74
CA ILE A 103 -20.97 -5.66 2.24
C ILE A 103 -21.78 -6.52 1.26
N LEU A 104 -21.12 -7.24 0.34
CA LEU A 104 -21.80 -8.05 -0.69
C LEU A 104 -22.34 -9.38 -0.11
N LYS A 105 -21.68 -9.96 0.91
CA LYS A 105 -22.21 -11.09 1.71
C LYS A 105 -22.89 -10.52 2.96
N SER B 7 11.95 -0.86 -5.05
CA SER B 7 11.05 -2.06 -5.18
C SER B 7 10.40 -2.10 -6.58
N MET B 8 10.29 -0.94 -7.24
CA MET B 8 9.66 -0.78 -8.59
C MET B 8 10.50 0.19 -9.45
N LYS B 9 10.76 -0.18 -10.70
CA LYS B 9 11.54 0.62 -11.68
C LYS B 9 10.79 0.71 -13.01
N PHE B 10 11.11 1.74 -13.78
CA PHE B 10 10.46 2.09 -15.06
C PHE B 10 11.44 1.93 -16.25
N ALA B 11 10.90 1.48 -17.39
CA ALA B 11 11.54 1.48 -18.71
C ALA B 11 10.71 2.37 -19.64
N VAL B 12 11.34 3.37 -20.24
CA VAL B 12 10.68 4.35 -21.13
C VAL B 12 11.08 4.00 -22.56
N ILE B 13 10.10 3.64 -23.39
CA ILE B 13 10.29 3.23 -24.82
C ILE B 13 9.56 4.24 -25.69
N ASP B 14 10.34 5.06 -26.41
CA ASP B 14 9.84 6.21 -27.19
C ASP B 14 9.47 5.72 -28.60
N ARG B 15 8.22 5.89 -29.00
CA ARG B 15 7.78 5.59 -30.37
C ARG B 15 7.23 6.90 -30.95
N LYS B 16 6.98 6.95 -32.25
CA LYS B 16 6.37 8.16 -32.87
C LYS B 16 4.92 8.27 -32.40
N ASN B 17 4.22 7.16 -32.21
CA ASN B 17 2.74 7.16 -31.98
C ASN B 17 2.40 7.20 -30.49
N PHE B 18 3.36 6.92 -29.61
CA PHE B 18 3.14 6.83 -28.15
C PHE B 18 4.48 6.72 -27.45
N THR B 19 4.44 6.99 -26.17
CA THR B 19 5.46 6.57 -25.22
C THR B 19 4.96 5.33 -24.49
N LEU B 20 5.76 4.27 -24.51
CA LEU B 20 5.49 3.05 -23.70
C LEU B 20 6.21 3.20 -22.37
N ILE B 21 5.46 3.20 -21.28
CA ILE B 21 5.99 3.19 -19.89
C ILE B 21 5.78 1.77 -19.36
N HIS B 22 6.87 1.03 -19.11
CA HIS B 22 6.78 -0.35 -18.59
C HIS B 22 7.42 -0.34 -17.22
N PHE B 23 6.68 -0.75 -16.19
CA PHE B 23 7.24 -0.83 -14.84
C PHE B 23 7.56 -2.29 -14.52
N GLU B 24 8.49 -2.47 -13.59
CA GLU B 24 8.90 -3.78 -13.05
C GLU B 24 8.93 -3.66 -11.52
N ILE B 25 8.35 -4.65 -10.83
CA ILE B 25 8.29 -4.72 -9.35
C ILE B 25 9.24 -5.83 -8.92
N GLU B 26 10.18 -5.52 -8.02
CA GLU B 26 11.23 -6.46 -7.51
C GLU B 26 10.61 -7.35 -6.42
N LYS B 27 9.79 -6.76 -5.55
CA LYS B 27 9.08 -7.45 -4.44
C LYS B 27 7.74 -6.77 -4.25
N PRO B 28 6.78 -7.40 -3.53
CA PRO B 28 5.49 -6.78 -3.19
C PRO B 28 5.58 -5.33 -2.72
N ILE B 29 4.76 -4.46 -3.33
CA ILE B 29 4.70 -3.02 -2.95
C ILE B 29 3.53 -2.78 -1.99
N LYS B 30 3.66 -1.71 -1.22
CA LYS B 30 2.63 -1.21 -0.30
C LYS B 30 2.10 0.10 -0.88
N PRO B 31 0.80 0.40 -0.68
CA PRO B 31 0.17 1.60 -1.25
C PRO B 31 0.94 2.90 -0.98
N GLU B 32 1.65 2.96 0.16
CA GLU B 32 2.49 4.11 0.60
C GLU B 32 3.46 4.50 -0.52
N ILE B 33 3.83 3.57 -1.39
CA ILE B 33 4.82 3.80 -2.49
C ILE B 33 4.30 4.92 -3.40
N LEU B 34 2.98 5.09 -3.51
CA LEU B 34 2.39 6.09 -4.43
C LEU B 34 2.83 7.49 -3.99
N LYS B 35 3.08 7.72 -2.70
CA LYS B 35 3.60 9.01 -2.20
C LYS B 35 5.06 9.24 -2.65
N GLU B 36 5.85 8.19 -2.88
CA GLU B 36 7.33 8.30 -3.10
C GLU B 36 7.68 8.21 -4.60
N ILE B 37 6.93 7.44 -5.40
CA ILE B 37 7.23 7.15 -6.84
C ILE B 37 7.60 8.42 -7.59
N GLU B 38 8.74 8.40 -8.31
CA GLU B 38 9.07 9.42 -9.34
C GLU B 38 8.53 8.92 -10.68
N ILE B 39 7.66 9.71 -11.33
CA ILE B 39 6.96 9.40 -12.61
C ILE B 39 7.87 9.81 -13.76
N PRO B 40 8.24 8.92 -14.71
CA PRO B 40 8.96 9.35 -15.89
C PRO B 40 8.24 10.55 -16.53
N SER B 41 9.01 11.56 -16.94
CA SER B 41 8.54 12.65 -17.81
C SER B 41 8.44 12.14 -19.24
N VAL B 42 7.45 12.56 -19.99
CA VAL B 42 7.27 12.10 -21.38
C VAL B 42 7.07 13.34 -22.24
N ASP B 43 7.10 13.15 -23.55
CA ASP B 43 6.63 14.10 -24.57
C ASP B 43 5.10 14.16 -24.44
N THR B 44 4.55 15.27 -23.96
CA THR B 44 3.13 15.36 -23.52
C THR B 44 2.24 15.54 -24.74
N ARG B 45 2.82 15.64 -25.93
CA ARG B 45 2.12 15.75 -27.21
C ARG B 45 1.91 14.37 -27.84
N LYS B 46 2.42 13.32 -27.19
CA LYS B 46 2.17 11.92 -27.58
C LYS B 46 1.43 11.23 -26.45
N GLY B 47 0.48 10.37 -26.80
CA GLY B 47 -0.19 9.46 -25.84
C GLY B 47 0.76 8.51 -25.16
N VAL B 48 0.24 7.85 -24.12
CA VAL B 48 1.01 6.93 -23.26
C VAL B 48 0.34 5.56 -23.22
N VAL B 49 1.17 4.51 -23.35
CA VAL B 49 0.83 3.09 -23.11
C VAL B 49 1.52 2.69 -21.81
N ILE B 50 0.73 2.22 -20.84
CA ILE B 50 1.23 1.76 -19.52
C ILE B 50 1.20 0.24 -19.52
N SER B 51 2.26 -0.38 -19.04
CA SER B 51 2.44 -1.84 -19.06
C SER B 51 3.16 -2.22 -17.80
N GLY B 52 2.86 -3.41 -17.28
CA GLY B 52 3.59 -3.97 -16.15
C GLY B 52 2.72 -4.90 -15.35
N ARG B 53 3.39 -5.73 -14.56
CA ARG B 53 2.78 -6.75 -13.65
C ARG B 53 2.70 -6.08 -12.30
N GLY B 54 1.52 -5.59 -11.95
CA GLY B 54 1.39 -4.99 -10.62
C GLY B 54 -0.07 -4.77 -10.27
N PRO B 55 -0.32 -4.33 -9.04
CA PRO B 55 -1.70 -4.18 -8.58
C PRO B 55 -2.48 -3.17 -9.44
N ILE B 56 -3.79 -3.40 -9.53
CA ILE B 56 -4.72 -2.56 -10.32
C ILE B 56 -4.59 -1.10 -9.87
N TRP B 57 -4.44 -0.84 -8.56
CA TRP B 57 -4.28 0.52 -8.03
C TRP B 57 -3.03 1.21 -8.59
N LEU B 58 -1.93 0.49 -8.79
CA LEU B 58 -0.74 1.12 -9.39
C LEU B 58 -1.07 1.58 -10.82
N HIS B 59 -1.66 0.70 -11.61
CA HIS B 59 -2.08 0.97 -13.00
C HIS B 59 -2.98 2.18 -13.04
N CYS B 60 -3.98 2.24 -12.15
CA CYS B 60 -4.91 3.38 -12.11
C CYS B 60 -4.15 4.65 -11.74
N PHE B 61 -3.27 4.59 -10.75
CA PHE B 61 -2.45 5.75 -10.34
C PHE B 61 -1.65 6.26 -11.55
N LEU B 62 -0.99 5.36 -12.27
CA LEU B 62 -0.18 5.78 -13.43
C LEU B 62 -1.08 6.36 -14.53
N ALA B 63 -2.22 5.74 -14.87
CA ALA B 63 -3.11 6.20 -15.95
C ALA B 63 -3.54 7.66 -15.68
N HIS B 64 -3.89 7.98 -14.43
CA HIS B 64 -4.23 9.35 -14.03
C HIS B 64 -3.06 10.34 -14.16
N LYS B 65 -1.84 9.94 -13.79
CA LYS B 65 -0.60 10.75 -13.92
C LYS B 65 -0.25 11.05 -15.39
N TYR B 66 -0.78 10.32 -16.38
CA TYR B 66 -0.56 10.62 -17.82
C TYR B 66 -1.83 11.11 -18.51
N ALA B 67 -2.85 11.53 -17.75
CA ALA B 67 -4.15 11.96 -18.31
C ALA B 67 -4.00 13.31 -19.03
N HIS B 68 -2.92 14.05 -18.74
CA HIS B 68 -2.60 15.35 -19.40
C HIS B 68 -2.02 15.12 -20.82
N THR B 69 -1.91 13.87 -21.29
CA THR B 69 -1.41 13.58 -22.68
C THR B 69 -2.62 13.33 -23.57
N PRO B 70 -2.46 13.20 -24.89
CA PRO B 70 -3.59 12.95 -25.80
C PRO B 70 -4.44 11.70 -25.52
N PHE B 71 -3.85 10.67 -24.91
CA PHE B 71 -4.59 9.41 -24.60
C PHE B 71 -3.75 8.55 -23.68
N VAL B 72 -4.43 7.66 -22.96
CA VAL B 72 -3.77 6.67 -22.07
C VAL B 72 -4.35 5.31 -22.43
N ALA B 73 -3.46 4.36 -22.72
CA ALA B 73 -3.83 2.98 -23.10
C ALA B 73 -3.15 2.07 -22.11
N VAL B 74 -3.81 0.95 -21.82
CA VAL B 74 -3.37 0.01 -20.78
C VAL B 74 -3.12 -1.32 -21.49
N TYR B 75 -1.92 -1.87 -21.33
CA TYR B 75 -1.52 -3.07 -22.07
C TYR B 75 -2.26 -4.27 -21.48
N ASP B 76 -2.89 -5.03 -22.35
CA ASP B 76 -3.46 -6.37 -22.05
C ASP B 76 -2.78 -7.39 -22.96
N PRO B 77 -1.98 -8.32 -22.39
CA PRO B 77 -1.30 -9.34 -23.20
C PRO B 77 -2.19 -10.14 -24.17
N ARG B 78 -3.48 -10.19 -23.90
CA ARG B 78 -4.45 -10.93 -24.74
C ARG B 78 -4.84 -10.12 -25.96
N LEU B 79 -4.63 -8.80 -25.99
CA LEU B 79 -5.30 -7.89 -26.96
C LEU B 79 -4.36 -6.90 -27.62
N GLY B 80 -3.42 -6.32 -26.88
CA GLY B 80 -2.81 -5.03 -27.24
C GLY B 80 -3.13 -3.97 -26.19
N ALA B 81 -2.95 -2.70 -26.51
CA ALA B 81 -3.05 -1.61 -25.53
C ALA B 81 -4.48 -1.06 -25.67
N VAL B 82 -5.26 -1.20 -24.61
CA VAL B 82 -6.69 -0.77 -24.65
C VAL B 82 -6.75 0.70 -24.28
N VAL B 83 -7.37 1.52 -25.11
CA VAL B 83 -7.47 2.98 -24.82
C VAL B 83 -8.54 3.17 -23.71
N VAL B 84 -8.16 3.71 -22.57
CA VAL B 84 -9.07 3.94 -21.41
C VAL B 84 -9.43 5.43 -21.32
N GLN B 85 -8.65 6.33 -21.95
CA GLN B 85 -8.90 7.80 -21.98
C GLN B 85 -8.39 8.34 -23.30
N SER B 86 -9.19 9.13 -24.03
CA SER B 86 -8.74 9.80 -25.27
C SER B 86 -9.14 11.26 -25.31
N HIS B 87 -8.19 12.11 -25.72
CA HIS B 87 -8.43 13.49 -26.23
C HIS B 87 -7.84 13.60 -27.62
N SER B 88 -7.89 12.51 -28.40
CA SER B 88 -7.28 12.38 -29.74
C SER B 88 -8.28 11.68 -30.67
N GLU B 89 -7.84 11.34 -31.88
CA GLU B 89 -8.61 10.54 -32.86
C GLU B 89 -8.99 9.18 -32.24
N LEU B 90 -8.19 8.66 -31.28
CA LEU B 90 -8.45 7.36 -30.62
C LEU B 90 -9.71 7.49 -29.77
N ARG B 91 -10.55 6.45 -29.74
CA ARG B 91 -11.74 6.37 -28.87
C ARG B 91 -11.42 5.34 -27.78
N GLU B 92 -12.03 5.54 -26.60
CA GLU B 92 -12.05 4.59 -25.47
C GLU B 92 -12.52 3.25 -26.02
N GLY B 93 -11.82 2.16 -25.64
CA GLY B 93 -12.16 0.83 -26.14
C GLY B 93 -11.42 0.47 -27.43
N ASP B 94 -10.82 1.43 -28.13
CA ASP B 94 -9.91 1.11 -29.28
C ASP B 94 -8.70 0.35 -28.71
N VAL B 95 -8.10 -0.50 -29.54
CA VAL B 95 -6.94 -1.33 -29.15
C VAL B 95 -5.77 -0.97 -30.05
N ILE B 96 -4.66 -0.54 -29.46
CA ILE B 96 -3.40 -0.30 -30.20
C ILE B 96 -2.70 -1.65 -30.32
N ASP B 97 -2.27 -2.00 -31.54
CA ASP B 97 -1.50 -3.23 -31.83
C ASP B 97 -0.08 -3.04 -31.32
N VAL B 98 0.18 -3.48 -30.09
CA VAL B 98 1.56 -3.58 -29.55
C VAL B 98 1.67 -4.92 -28.86
N VAL B 99 2.88 -5.50 -28.86
CA VAL B 99 3.20 -6.77 -28.14
C VAL B 99 4.42 -6.49 -27.28
N VAL B 100 4.17 -6.11 -26.04
CA VAL B 100 5.20 -5.61 -25.11
C VAL B 100 6.24 -6.68 -24.83
N GLU B 101 5.80 -7.94 -24.77
CA GLU B 101 6.67 -9.13 -24.59
C GLU B 101 7.75 -9.13 -25.68
N GLU B 102 7.39 -8.73 -26.90
CA GLU B 102 8.34 -8.71 -28.04
C GLU B 102 9.20 -7.44 -27.95
N ILE B 103 8.61 -6.31 -27.61
CA ILE B 103 9.34 -5.01 -27.42
C ILE B 103 10.47 -5.19 -26.37
N LEU B 104 10.25 -5.99 -25.34
CA LEU B 104 11.17 -6.10 -24.16
C LEU B 104 12.21 -7.20 -24.39
N LYS B 105 12.05 -8.03 -25.42
CA LYS B 105 12.98 -9.16 -25.67
C LYS B 105 14.43 -8.64 -25.64
N GLY B 106 15.31 -9.37 -24.96
CA GLY B 106 16.74 -9.04 -24.80
C GLY B 106 17.00 -8.22 -23.56
N GLY B 107 15.94 -7.72 -22.90
CA GLY B 107 16.05 -6.98 -21.63
C GLY B 107 16.18 -5.49 -21.88
N VAL B 108 15.37 -4.71 -21.18
CA VAL B 108 15.47 -3.22 -21.24
C VAL B 108 15.94 -2.73 -19.87
N ARG B 109 16.87 -1.78 -19.89
CA ARG B 109 17.35 -1.03 -18.71
C ARG B 109 16.15 -0.25 -18.15
N HIS B 110 15.88 -0.42 -16.86
CA HIS B 110 14.78 0.21 -16.09
C HIS B 110 15.39 1.22 -15.11
N SER C 7 0.43 26.79 0.11
CA SER C 7 -0.49 25.93 -0.71
C SER C 7 -0.10 25.98 -2.19
N MET C 8 0.32 27.15 -2.70
CA MET C 8 0.47 27.42 -4.15
C MET C 8 1.62 28.42 -4.36
N LYS C 9 2.47 28.20 -5.36
CA LYS C 9 3.59 29.14 -5.71
C LYS C 9 3.65 29.34 -7.23
N PHE C 10 4.17 30.50 -7.64
CA PHE C 10 4.26 30.95 -9.05
C PHE C 10 5.72 31.00 -9.52
N ALA C 11 5.97 30.51 -10.73
CA ALA C 11 7.19 30.76 -11.49
C ALA C 11 6.82 31.74 -12.60
N VAL C 12 7.45 32.91 -12.64
CA VAL C 12 7.20 33.96 -13.67
C VAL C 12 8.42 34.03 -14.58
N ILE C 13 8.26 33.78 -15.89
CA ILE C 13 9.39 33.73 -16.84
C ILE C 13 9.06 34.60 -18.03
N ASP C 14 9.85 35.66 -18.26
CA ASP C 14 9.77 36.53 -19.47
C ASP C 14 10.30 35.76 -20.68
N ARG C 15 9.54 35.79 -21.77
CA ARG C 15 9.95 35.32 -23.13
C ARG C 15 9.78 36.50 -24.08
N LYS C 16 10.10 36.31 -25.36
CA LYS C 16 10.11 37.38 -26.40
C LYS C 16 8.69 37.94 -26.54
N ASN C 17 7.70 37.08 -26.67
CA ASN C 17 6.33 37.46 -27.13
C ASN C 17 5.28 37.24 -26.03
N PHE C 18 5.70 36.88 -24.81
CA PHE C 18 4.74 36.54 -23.72
C PHE C 18 5.50 36.35 -22.41
N THR C 19 4.78 36.48 -21.29
CA THR C 19 5.25 36.11 -19.94
C THR C 19 4.58 34.77 -19.60
N LEU C 20 5.33 33.78 -19.12
CA LEU C 20 4.78 32.49 -18.63
C LEU C 20 4.49 32.67 -17.15
N ILE C 21 3.25 32.42 -16.77
CA ILE C 21 2.83 32.30 -15.34
C ILE C 21 2.54 30.82 -15.11
N HIS C 22 3.47 30.12 -14.46
CA HIS C 22 3.31 28.69 -14.13
C HIS C 22 3.06 28.59 -12.64
N PHE C 23 2.00 27.91 -12.21
CA PHE C 23 1.73 27.74 -10.76
C PHE C 23 1.96 26.28 -10.41
N GLU C 24 2.32 26.03 -9.15
CA GLU C 24 2.33 24.70 -8.49
C GLU C 24 1.49 24.75 -7.21
N ILE C 25 0.67 23.74 -7.00
CA ILE C 25 -0.16 23.50 -5.78
C ILE C 25 0.46 22.32 -5.03
N GLU C 26 0.83 22.49 -3.77
CA GLU C 26 1.44 21.45 -2.90
C GLU C 26 0.35 20.53 -2.33
N LYS C 27 -0.78 21.11 -1.87
CA LYS C 27 -1.93 20.36 -1.28
C LYS C 27 -3.23 20.91 -1.87
N PRO C 28 -4.36 20.16 -1.83
CA PRO C 28 -5.60 20.60 -2.46
CA PRO C 28 -5.60 20.60 -2.46
C PRO C 28 -6.05 21.98 -1.95
N ILE C 29 -6.56 22.80 -2.86
CA ILE C 29 -6.96 24.19 -2.53
C ILE C 29 -8.48 24.29 -2.43
N LYS C 30 -8.94 25.23 -1.61
CA LYS C 30 -10.36 25.62 -1.47
C LYS C 30 -10.58 26.89 -2.27
N PRO C 31 -11.79 27.10 -2.83
CA PRO C 31 -12.09 28.32 -3.58
C PRO C 31 -11.77 29.61 -2.80
N GLU C 32 -11.90 29.59 -1.47
CA GLU C 32 -11.58 30.74 -0.57
C GLU C 32 -10.19 31.30 -0.92
N ILE C 33 -9.32 30.48 -1.50
CA ILE C 33 -7.93 30.91 -1.77
C ILE C 33 -7.95 32.07 -2.77
N LEU C 34 -8.96 32.15 -3.62
CA LEU C 34 -9.03 33.23 -4.64
C LEU C 34 -9.10 34.58 -3.94
N LYS C 35 -9.62 34.67 -2.72
CA LYS C 35 -9.68 35.92 -1.92
C LYS C 35 -8.29 36.34 -1.41
N GLU C 36 -7.32 35.42 -1.33
CA GLU C 36 -5.99 35.63 -0.68
C GLU C 36 -4.84 35.59 -1.70
N ILE C 37 -5.08 35.18 -2.95
CA ILE C 37 -3.97 35.01 -3.94
C ILE C 37 -3.34 36.39 -4.24
N GLU C 38 -2.01 36.52 -4.13
CA GLU C 38 -1.26 37.67 -4.69
C GLU C 38 -0.88 37.34 -6.14
N ILE C 39 -1.42 38.08 -7.11
CA ILE C 39 -1.20 37.89 -8.58
C ILE C 39 0.14 38.49 -8.98
N PRO C 40 1.06 37.73 -9.62
CA PRO C 40 2.28 38.32 -10.16
C PRO C 40 1.99 39.49 -11.12
N SER C 41 2.79 40.56 -11.00
CA SER C 41 2.89 41.67 -11.96
C SER C 41 3.66 41.22 -13.20
N VAL C 42 3.27 41.68 -14.38
CA VAL C 42 3.89 41.28 -15.66
C VAL C 42 4.04 42.54 -16.50
N ASP C 43 4.89 42.43 -17.52
CA ASP C 43 4.96 43.42 -18.60
C ASP C 43 3.62 43.38 -19.34
N THR C 44 2.81 44.44 -19.19
CA THR C 44 1.43 44.53 -19.69
C THR C 44 1.41 44.76 -21.18
N ARG C 45 2.58 44.93 -21.79
CA ARG C 45 2.71 45.12 -23.26
C ARG C 45 2.98 43.76 -23.95
N LYS C 46 3.10 42.67 -23.17
CA LYS C 46 3.19 41.28 -23.70
C LYS C 46 2.01 40.46 -23.18
N GLY C 47 1.48 39.60 -24.04
CA GLY C 47 0.53 38.54 -23.66
C GLY C 47 1.05 37.68 -22.54
N VAL C 48 0.19 36.76 -22.10
CA VAL C 48 0.47 35.89 -20.94
C VAL C 48 0.05 34.47 -21.33
N VAL C 49 0.85 33.51 -20.93
CA VAL C 49 0.54 32.05 -21.01
C VAL C 49 0.40 31.59 -19.56
N ILE C 50 -0.75 31.01 -19.20
CA ILE C 50 -1.00 30.51 -17.83
C ILE C 50 -0.88 28.99 -17.84
N SER C 51 -0.07 28.46 -16.93
CA SER C 51 0.26 27.02 -16.85
C SER C 51 0.16 26.56 -15.42
N GLY C 52 -0.38 25.36 -15.21
CA GLY C 52 -0.35 24.72 -13.89
C GLY C 52 -1.38 23.62 -13.80
N ARG C 53 -1.12 22.68 -12.91
CA ARG C 53 -2.07 21.58 -12.58
C ARG C 53 -2.95 22.06 -11.44
N GLY C 54 -4.20 22.37 -11.75
CA GLY C 54 -5.10 22.91 -10.71
C GLY C 54 -6.49 23.09 -11.27
N PRO C 55 -7.45 23.39 -10.41
CA PRO C 55 -8.85 23.40 -10.83
C PRO C 55 -9.18 24.41 -11.93
N ILE C 56 -10.14 24.05 -12.77
CA ILE C 56 -10.54 24.94 -13.87
C ILE C 56 -10.81 26.33 -13.27
N TRP C 57 -11.48 26.43 -12.12
CA TRP C 57 -11.85 27.74 -11.53
C TRP C 57 -10.60 28.58 -11.18
N LEU C 58 -9.47 27.96 -10.80
CA LEU C 58 -8.21 28.70 -10.58
C LEU C 58 -7.72 29.27 -11.91
N HIS C 59 -7.73 28.46 -12.96
CA HIS C 59 -7.29 28.92 -14.29
C HIS C 59 -8.16 30.09 -14.77
N CYS C 60 -9.48 29.98 -14.62
CA CYS C 60 -10.43 31.01 -15.13
C CYS C 60 -10.20 32.31 -14.35
N PHE C 61 -9.99 32.19 -13.04
CA PHE C 61 -9.70 33.35 -12.17
C PHE C 61 -8.44 34.03 -12.69
N LEU C 62 -7.38 33.24 -12.90
CA LEU C 62 -6.09 33.81 -13.34
C LEU C 62 -6.24 34.45 -14.72
N ALA C 63 -6.95 33.80 -15.64
CA ALA C 63 -7.13 34.34 -17.01
C ALA C 63 -7.80 35.72 -16.92
N HIS C 64 -8.76 35.87 -16.00
CA HIS C 64 -9.49 37.16 -15.84
C HIS C 64 -8.55 38.24 -15.31
N LYS C 65 -7.59 37.87 -14.46
CA LYS C 65 -6.63 38.83 -13.85
C LYS C 65 -5.66 39.37 -14.93
N TYR C 66 -5.48 38.70 -16.07
CA TYR C 66 -4.55 39.19 -17.13
C TYR C 66 -5.31 39.64 -18.40
N ALA C 67 -6.60 40.01 -18.28
CA ALA C 67 -7.42 40.49 -19.42
C ALA C 67 -6.94 41.87 -19.89
N HIS C 68 -6.11 42.56 -19.11
CA HIS C 68 -5.58 43.91 -19.46
C HIS C 68 -4.35 43.78 -20.37
N THR C 69 -3.94 42.56 -20.76
CA THR C 69 -2.70 42.35 -21.57
C THR C 69 -3.13 42.12 -23.00
N PRO C 70 -2.19 42.06 -23.98
CA PRO C 70 -2.60 41.84 -25.35
C PRO C 70 -3.36 40.54 -25.64
N PHE C 71 -3.12 39.50 -24.85
CA PHE C 71 -3.84 38.22 -25.04
C PHE C 71 -3.59 37.33 -23.83
N VAL C 72 -4.44 36.33 -23.66
CA VAL C 72 -4.26 35.33 -22.59
C VAL C 72 -4.37 33.96 -23.24
N ALA C 73 -3.41 33.09 -22.94
CA ALA C 73 -3.32 31.74 -23.53
C ALA C 73 -3.28 30.77 -22.39
N VAL C 74 -4.01 29.66 -22.49
CA VAL C 74 -3.98 28.57 -21.46
C VAL C 74 -3.13 27.43 -22.00
N TYR C 75 -2.11 27.04 -21.26
CA TYR C 75 -1.20 25.92 -21.56
C TYR C 75 -1.98 24.59 -21.46
N ASP C 76 -2.03 23.89 -22.59
CA ASP C 76 -2.45 22.46 -22.68
C ASP C 76 -1.24 21.62 -23.11
N PRO C 77 -0.70 20.76 -22.23
CA PRO C 77 0.50 19.98 -22.54
C PRO C 77 0.41 19.17 -23.84
N ARG C 78 -0.80 18.87 -24.28
CA ARG C 78 -1.05 18.10 -25.51
C ARG C 78 -0.79 18.95 -26.76
N LEU C 79 -0.83 20.29 -26.66
CA LEU C 79 -0.97 21.17 -27.84
C LEU C 79 0.02 22.35 -27.82
N GLY C 80 0.38 22.88 -26.66
CA GLY C 80 0.96 24.23 -26.56
C GLY C 80 -0.03 25.18 -25.87
N ALA C 81 0.15 26.49 -26.02
CA ALA C 81 -0.68 27.50 -25.31
C ALA C 81 -1.85 27.91 -26.20
N VAL C 82 -3.07 27.74 -25.70
CA VAL C 82 -4.30 28.00 -26.49
C VAL C 82 -4.78 29.39 -26.12
N VAL C 83 -5.00 30.23 -27.14
CA VAL C 83 -5.43 31.64 -26.98
C VAL C 83 -6.91 31.66 -26.62
N VAL C 84 -7.25 32.08 -25.40
CA VAL C 84 -8.66 32.08 -24.92
C VAL C 84 -9.21 33.51 -24.92
N GLN C 85 -8.35 34.51 -24.84
CA GLN C 85 -8.70 35.94 -25.01
C GLN C 85 -7.69 36.62 -25.91
N SER C 86 -8.15 37.38 -26.90
CA SER C 86 -7.29 38.23 -27.76
C SER C 86 -7.81 39.66 -27.72
N HIS C 87 -6.98 40.61 -27.31
CA HIS C 87 -7.39 42.02 -27.13
C HIS C 87 -6.72 42.81 -28.26
N SER C 88 -5.40 42.78 -28.33
CA SER C 88 -4.63 43.54 -29.33
C SER C 88 -3.80 42.60 -30.21
N GLU C 89 -3.83 41.28 -30.00
CA GLU C 89 -2.91 40.31 -30.67
C GLU C 89 -3.52 38.91 -30.72
N LEU C 90 -3.09 38.11 -31.72
CA LEU C 90 -3.47 36.69 -31.97
C LEU C 90 -4.99 36.57 -32.09
N ARG C 91 -5.51 35.37 -32.38
CA ARG C 91 -6.97 35.12 -32.45
C ARG C 91 -7.30 33.96 -31.50
N GLU C 92 -8.49 34.00 -30.90
CA GLU C 92 -9.03 32.93 -30.02
C GLU C 92 -8.94 31.61 -30.79
N GLY C 93 -8.29 30.62 -30.19
CA GLY C 93 -8.19 29.27 -30.76
C GLY C 93 -6.87 29.02 -31.47
N ASP C 94 -6.09 30.07 -31.76
CA ASP C 94 -4.67 29.95 -32.17
C ASP C 94 -3.91 29.21 -31.07
N VAL C 95 -2.87 28.48 -31.47
CA VAL C 95 -2.00 27.74 -30.51
C VAL C 95 -0.60 28.31 -30.64
N ILE C 96 0.00 28.72 -29.53
CA ILE C 96 1.44 29.10 -29.44
C ILE C 96 2.22 27.84 -29.10
N ASP C 97 3.24 27.56 -29.91
CA ASP C 97 4.08 26.32 -29.83
C ASP C 97 5.13 26.47 -28.71
N VAL C 98 4.73 26.21 -27.48
CA VAL C 98 5.63 26.21 -26.30
C VAL C 98 5.44 24.86 -25.60
N VAL C 99 6.51 24.47 -24.90
CA VAL C 99 6.62 23.26 -24.06
C VAL C 99 7.11 23.78 -22.73
N VAL C 100 6.18 23.91 -21.79
CA VAL C 100 6.44 24.63 -20.51
C VAL C 100 7.63 24.03 -19.79
N GLU C 101 7.81 22.69 -19.82
CA GLU C 101 8.94 22.02 -19.10
C GLU C 101 10.30 22.56 -19.58
N GLU C 102 10.42 22.80 -20.89
CA GLU C 102 11.63 23.39 -21.53
C GLU C 102 11.80 24.84 -21.06
N ILE C 103 10.70 25.58 -20.88
CA ILE C 103 10.78 27.03 -20.47
C ILE C 103 11.16 27.09 -18.99
N LEU C 104 10.90 26.04 -18.21
CA LEU C 104 11.06 26.04 -16.73
C LEU C 104 12.49 25.60 -16.37
N SER D 7 -17.23 17.62 -31.76
CA SER D 7 -18.64 18.12 -31.74
C SER D 7 -19.09 18.33 -30.29
N MET D 8 -19.92 19.35 -30.12
CA MET D 8 -20.23 20.03 -28.84
C MET D 8 -21.62 20.68 -28.95
N LYS D 9 -22.39 20.73 -27.88
CA LYS D 9 -23.68 21.46 -27.84
C LYS D 9 -23.88 22.08 -26.45
N PHE D 10 -24.70 23.13 -26.37
CA PHE D 10 -25.01 23.86 -25.12
C PHE D 10 -26.43 23.55 -24.68
N ALA D 11 -26.58 23.36 -23.38
CA ALA D 11 -27.85 23.43 -22.64
C ALA D 11 -27.85 24.77 -21.90
N VAL D 12 -28.79 25.65 -22.22
CA VAL D 12 -28.97 26.97 -21.56
C VAL D 12 -30.22 26.91 -20.67
N ILE D 13 -30.05 27.04 -19.36
CA ILE D 13 -31.15 26.99 -18.36
C ILE D 13 -31.16 28.29 -17.53
N ASP D 14 -32.30 28.97 -17.53
CA ASP D 14 -32.55 30.21 -16.77
C ASP D 14 -32.91 29.79 -15.36
N ARG D 15 -32.16 30.27 -14.37
CA ARG D 15 -32.52 30.16 -12.94
C ARG D 15 -32.81 31.57 -12.43
N LYS D 16 -33.26 31.68 -11.18
CA LYS D 16 -33.65 32.97 -10.57
C LYS D 16 -32.43 33.91 -10.61
N ASN D 17 -31.25 33.43 -10.19
CA ASN D 17 -30.09 34.29 -9.85
C ASN D 17 -28.93 34.15 -10.86
N PHE D 18 -29.04 33.32 -11.90
CA PHE D 18 -28.00 33.13 -12.94
C PHE D 18 -28.58 32.33 -14.11
N THR D 19 -27.89 32.35 -15.25
CA THR D 19 -28.13 31.45 -16.39
C THR D 19 -27.09 30.33 -16.32
N LEU D 20 -27.52 29.06 -16.38
CA LEU D 20 -26.60 27.93 -16.48
C LEU D 20 -26.26 27.78 -17.95
N ILE D 21 -24.98 27.82 -18.27
CA ILE D 21 -24.46 27.44 -19.62
C ILE D 21 -23.71 26.10 -19.41
N HIS D 22 -24.32 24.99 -19.80
CA HIS D 22 -23.72 23.64 -19.65
C HIS D 22 -23.35 23.14 -21.04
N PHE D 23 -22.10 22.82 -21.28
CA PHE D 23 -21.72 22.24 -22.59
C PHE D 23 -21.53 20.72 -22.45
N GLU D 24 -21.83 20.00 -23.54
CA GLU D 24 -21.61 18.55 -23.72
C GLU D 24 -20.73 18.35 -24.96
N ILE D 25 -19.58 17.68 -24.81
CA ILE D 25 -18.67 17.34 -25.94
C ILE D 25 -18.91 15.87 -26.33
N GLU D 26 -19.24 15.59 -27.60
CA GLU D 26 -19.49 14.21 -28.11
C GLU D 26 -18.15 13.54 -28.42
N LYS D 27 -17.26 14.23 -29.15
CA LYS D 27 -15.88 13.74 -29.44
C LYS D 27 -14.89 14.86 -29.09
N PRO D 28 -13.62 14.50 -28.79
CA PRO D 28 -12.58 15.47 -28.43
C PRO D 28 -12.49 16.64 -29.42
N ILE D 29 -12.30 17.86 -28.90
CA ILE D 29 -12.39 19.11 -29.69
C ILE D 29 -11.00 19.67 -29.90
N LYS D 30 -10.83 20.46 -30.95
CA LYS D 30 -9.51 21.07 -31.24
C LYS D 30 -9.69 22.57 -30.96
N PRO D 31 -8.62 23.29 -30.61
CA PRO D 31 -8.73 24.72 -30.28
C PRO D 31 -9.40 25.57 -31.37
N GLU D 32 -9.18 25.21 -32.63
CA GLU D 32 -9.79 25.89 -33.80
C GLU D 32 -11.29 26.05 -33.58
N ILE D 33 -11.92 25.22 -32.77
CA ILE D 33 -13.39 25.28 -32.55
C ILE D 33 -13.79 26.64 -31.95
N LEU D 34 -12.92 27.29 -31.18
CA LEU D 34 -13.27 28.57 -30.51
C LEU D 34 -13.61 29.65 -31.56
N LYS D 35 -13.04 29.56 -32.77
CA LYS D 35 -13.38 30.39 -33.97
C LYS D 35 -14.76 30.05 -34.54
N GLU D 36 -15.30 28.87 -34.30
CA GLU D 36 -16.57 28.39 -34.92
C GLU D 36 -17.72 28.52 -33.92
N ILE D 37 -17.45 28.60 -32.62
CA ILE D 37 -18.53 28.45 -31.59
C ILE D 37 -19.51 29.61 -31.71
N GLU D 38 -20.81 29.32 -31.80
CA GLU D 38 -21.89 30.33 -31.55
C GLU D 38 -22.15 30.36 -30.04
N ILE D 39 -21.86 31.49 -29.39
CA ILE D 39 -22.05 31.69 -27.92
C ILE D 39 -23.53 31.89 -27.63
N PRO D 40 -24.16 31.08 -26.75
CA PRO D 40 -25.53 31.38 -26.33
C PRO D 40 -25.65 32.83 -25.83
N SER D 41 -26.67 33.53 -26.34
CA SER D 41 -27.17 34.81 -25.81
C SER D 41 -27.84 34.54 -24.47
N VAL D 42 -27.59 35.39 -23.48
CA VAL D 42 -28.17 35.29 -22.11
C VAL D 42 -28.74 36.64 -21.70
N ASP D 43 -29.52 36.65 -20.62
CA ASP D 43 -29.92 37.88 -19.92
C ASP D 43 -28.67 38.49 -19.27
N THR D 44 -28.18 39.64 -19.78
CA THR D 44 -26.88 40.22 -19.36
C THR D 44 -26.98 40.90 -17.98
N ARG D 45 -28.18 40.98 -17.39
CA ARG D 45 -28.38 41.54 -16.03
C ARG D 45 -28.34 40.44 -14.98
N LYS D 46 -28.11 39.19 -15.41
CA LYS D 46 -27.89 38.05 -14.49
C LYS D 46 -26.52 37.45 -14.77
N GLY D 47 -25.86 37.01 -13.71
CA GLY D 47 -24.60 36.25 -13.85
C GLY D 47 -24.77 34.91 -14.56
N VAL D 48 -23.64 34.22 -14.73
CA VAL D 48 -23.55 32.98 -15.54
C VAL D 48 -22.79 31.92 -14.73
N VAL D 49 -23.32 30.70 -14.73
CA VAL D 49 -22.60 29.48 -14.26
C VAL D 49 -22.25 28.66 -15.49
N ILE D 50 -20.95 28.46 -15.70
CA ILE D 50 -20.43 27.66 -16.84
C ILE D 50 -20.09 26.25 -16.32
N SER D 51 -20.70 25.25 -16.94
CA SER D 51 -20.54 23.81 -16.57
C SER D 51 -20.13 23.03 -17.83
N GLY D 52 -19.32 21.98 -17.66
CA GLY D 52 -19.00 21.04 -18.75
C GLY D 52 -17.74 20.25 -18.47
N ARG D 53 -17.75 18.98 -18.84
CA ARG D 53 -16.54 18.13 -18.91
C ARG D 53 -15.82 18.48 -20.19
N GLY D 54 -14.81 19.33 -20.10
CA GLY D 54 -14.04 19.71 -21.28
C GLY D 54 -12.82 20.49 -20.86
N PRO D 55 -11.99 20.88 -21.84
CA PRO D 55 -10.67 21.38 -21.55
C PRO D 55 -10.71 22.73 -20.84
N ILE D 56 -9.66 22.99 -20.07
CA ILE D 56 -9.51 24.26 -19.34
C ILE D 56 -9.61 25.44 -20.32
N TRP D 57 -9.01 25.36 -21.51
CA TRP D 57 -9.04 26.49 -22.48
C TRP D 57 -10.47 26.77 -22.95
N LEU D 58 -11.34 25.75 -23.06
CA LEU D 58 -12.75 26.00 -23.44
C LEU D 58 -13.47 26.72 -22.29
N HIS D 59 -13.23 26.33 -21.04
CA HIS D 59 -13.83 27.00 -19.85
C HIS D 59 -13.35 28.46 -19.78
N CYS D 60 -12.07 28.72 -20.02
CA CYS D 60 -11.50 30.09 -19.90
C CYS D 60 -12.03 30.93 -21.07
N PHE D 61 -12.17 30.34 -22.25
CA PHE D 61 -12.76 31.05 -23.41
C PHE D 61 -14.17 31.48 -23.03
N LEU D 62 -14.97 30.57 -22.51
CA LEU D 62 -16.41 30.86 -22.27
C LEU D 62 -16.51 31.87 -21.12
N ALA D 63 -15.66 31.76 -20.10
CA ALA D 63 -15.67 32.68 -18.94
C ALA D 63 -15.43 34.10 -19.43
N HIS D 64 -14.52 34.29 -20.38
CA HIS D 64 -14.24 35.65 -20.89
C HIS D 64 -15.46 36.14 -21.70
N LYS D 65 -16.19 35.23 -22.39
CA LYS D 65 -17.30 35.60 -23.29
C LYS D 65 -18.48 36.06 -22.45
N TYR D 66 -18.50 35.78 -21.14
CA TYR D 66 -19.59 36.23 -20.24
C TYR D 66 -19.08 37.24 -19.19
N ALA D 67 -17.85 37.76 -19.35
CA ALA D 67 -17.26 38.82 -18.49
C ALA D 67 -18.19 40.04 -18.45
N HIS D 68 -19.07 40.22 -19.45
CA HIS D 68 -19.90 41.44 -19.57
C HIS D 68 -21.17 41.31 -18.71
N THR D 69 -21.33 40.19 -17.98
CA THR D 69 -22.48 39.97 -17.05
C THR D 69 -22.07 40.30 -15.63
N PRO D 70 -22.98 40.31 -14.64
CA PRO D 70 -22.60 40.66 -13.27
C PRO D 70 -21.54 39.76 -12.63
N PHE D 71 -21.53 38.46 -12.95
CA PHE D 71 -20.48 37.53 -12.47
C PHE D 71 -20.37 36.30 -13.38
N VAL D 72 -19.20 35.67 -13.28
CA VAL D 72 -18.98 34.34 -13.89
C VAL D 72 -18.55 33.37 -12.79
N ALA D 73 -19.19 32.20 -12.77
CA ALA D 73 -18.87 31.11 -11.85
C ALA D 73 -18.64 29.85 -12.67
N VAL D 74 -17.68 29.05 -12.23
CA VAL D 74 -17.25 27.84 -12.96
C VAL D 74 -17.66 26.67 -12.10
N TYR D 75 -18.47 25.78 -12.67
CA TYR D 75 -19.01 24.63 -11.90
C TYR D 75 -17.87 23.68 -11.56
N ASP D 76 -17.76 23.36 -10.27
CA ASP D 76 -16.94 22.23 -9.76
C ASP D 76 -17.90 21.19 -9.19
N PRO D 77 -18.03 19.99 -9.80
CA PRO D 77 -18.94 18.97 -9.28
C PRO D 77 -18.76 18.62 -7.79
N ARG D 78 -17.57 18.87 -7.25
CA ARG D 78 -17.21 18.60 -5.85
C ARG D 78 -17.81 19.61 -4.87
N LEU D 79 -18.17 20.81 -5.35
CA LEU D 79 -18.35 22.01 -4.50
C LEU D 79 -19.62 22.77 -4.85
N GLY D 80 -19.93 22.93 -6.14
CA GLY D 80 -20.88 23.95 -6.63
C GLY D 80 -20.21 24.87 -7.63
N ALA D 81 -20.79 26.06 -7.86
CA ALA D 81 -20.24 27.03 -8.85
C ALA D 81 -19.34 28.05 -8.13
N VAL D 82 -18.05 28.02 -8.45
CA VAL D 82 -17.00 28.89 -7.90
C VAL D 82 -16.98 30.19 -8.72
N VAL D 83 -17.29 31.27 -8.03
CA VAL D 83 -17.22 32.64 -8.61
C VAL D 83 -15.75 32.97 -8.93
N VAL D 84 -15.46 33.22 -10.20
CA VAL D 84 -14.07 33.50 -10.64
C VAL D 84 -13.93 34.98 -11.02
N GLN D 85 -15.03 35.68 -11.30
CA GLN D 85 -15.07 37.13 -11.61
C GLN D 85 -16.43 37.67 -11.13
N SER D 86 -16.47 38.85 -10.55
CA SER D 86 -17.74 39.45 -10.06
C SER D 86 -17.71 40.96 -10.17
N HIS D 87 -18.77 41.52 -10.73
CA HIS D 87 -19.13 42.97 -10.65
C HIS D 87 -20.43 43.13 -9.86
N SER D 88 -20.74 42.18 -8.96
CA SER D 88 -22.01 42.10 -8.21
C SER D 88 -21.65 42.11 -6.73
N GLU D 89 -22.58 41.72 -5.85
CA GLU D 89 -22.30 41.56 -4.41
C GLU D 89 -21.52 40.26 -4.20
N LEU D 90 -21.56 39.31 -5.14
CA LEU D 90 -20.72 38.08 -5.03
C LEU D 90 -19.24 38.43 -5.17
N ARG D 91 -18.38 37.60 -4.61
CA ARG D 91 -16.91 37.82 -4.58
C ARG D 91 -16.21 36.58 -5.10
N GLU D 92 -15.06 36.81 -5.73
CA GLU D 92 -14.22 35.71 -6.27
CA GLU D 92 -14.19 35.73 -6.26
C GLU D 92 -13.98 34.69 -5.15
N GLY D 93 -14.23 33.41 -5.42
CA GLY D 93 -14.04 32.32 -4.45
C GLY D 93 -15.28 31.99 -3.63
N ASP D 94 -16.32 32.84 -3.65
CA ASP D 94 -17.67 32.42 -3.21
C ASP D 94 -18.09 31.18 -4.00
N VAL D 95 -18.85 30.31 -3.36
CA VAL D 95 -19.40 29.05 -3.94
C VAL D 95 -20.91 29.18 -3.96
N ILE D 96 -21.50 29.08 -5.16
CA ILE D 96 -22.97 28.99 -5.38
C ILE D 96 -23.32 27.51 -5.23
N ASP D 97 -24.13 27.18 -4.22
CA ASP D 97 -24.41 25.78 -3.85
C ASP D 97 -25.46 25.27 -4.80
N VAL D 98 -25.03 24.75 -5.95
CA VAL D 98 -25.92 24.15 -6.97
C VAL D 98 -25.32 22.80 -7.40
N VAL D 99 -26.21 21.90 -7.80
CA VAL D 99 -25.87 20.59 -8.40
C VAL D 99 -26.39 20.62 -9.85
N VAL D 100 -25.48 20.60 -10.83
CA VAL D 100 -25.86 20.88 -12.24
C VAL D 100 -26.81 19.78 -12.75
N GLU D 101 -26.63 18.53 -12.32
CA GLU D 101 -27.55 17.43 -12.75
C GLU D 101 -28.98 17.76 -12.33
N GLU D 102 -29.19 18.26 -11.12
CA GLU D 102 -30.56 18.59 -10.64
C GLU D 102 -31.16 19.68 -11.55
N ILE D 103 -30.37 20.70 -11.90
CA ILE D 103 -30.82 21.81 -12.79
C ILE D 103 -31.11 21.28 -14.20
N LEU D 104 -30.30 20.37 -14.73
CA LEU D 104 -30.54 19.83 -16.10
C LEU D 104 -31.84 18.99 -16.10
N LYS D 105 -32.34 18.63 -14.90
CA LYS D 105 -33.67 18.00 -14.62
C LYS D 105 -33.60 16.50 -14.90
N ALA E 6 -23.53 -34.35 -2.95
CA ALA E 6 -22.26 -33.64 -3.29
C ALA E 6 -21.10 -34.64 -3.32
N SER E 7 -20.45 -34.78 -4.48
CA SER E 7 -19.25 -35.65 -4.71
C SER E 7 -18.07 -35.16 -3.85
N MET E 8 -18.12 -33.92 -3.34
CA MET E 8 -16.97 -33.23 -2.72
C MET E 8 -17.44 -32.24 -1.63
N LYS E 9 -16.67 -32.11 -0.55
CA LYS E 9 -16.94 -31.23 0.62
C LYS E 9 -15.65 -30.49 1.01
N PHE E 10 -15.77 -29.22 1.42
CA PHE E 10 -14.66 -28.36 1.92
C PHE E 10 -14.69 -28.34 3.45
N ALA E 11 -13.51 -28.37 4.06
CA ALA E 11 -13.26 -27.91 5.44
C ALA E 11 -12.45 -26.61 5.35
N VAL E 12 -12.94 -25.55 5.97
CA VAL E 12 -12.30 -24.21 5.95
C VAL E 12 -11.89 -23.90 7.38
N ILE E 13 -10.60 -23.76 7.64
CA ILE E 13 -10.09 -23.56 9.02
C ILE E 13 -9.29 -22.26 9.02
N ASP E 14 -9.66 -21.35 9.92
CA ASP E 14 -9.06 -20.00 10.06
C ASP E 14 -7.84 -20.13 10.96
N ARG E 15 -6.68 -19.73 10.45
CA ARG E 15 -5.42 -19.60 11.23
C ARG E 15 -5.00 -18.13 11.22
N LYS E 16 -3.91 -17.77 11.90
CA LYS E 16 -3.47 -16.37 12.08
C LYS E 16 -2.98 -15.79 10.74
N ASN E 17 -2.15 -16.53 9.99
CA ASN E 17 -1.41 -15.99 8.82
C ASN E 17 -2.01 -16.53 7.52
N PHE E 18 -3.03 -17.40 7.59
CA PHE E 18 -3.67 -18.01 6.40
C PHE E 18 -4.99 -18.70 6.75
N THR E 19 -5.80 -18.95 5.72
CA THR E 19 -6.98 -19.84 5.79
C THR E 19 -6.63 -21.14 5.07
N LEU E 20 -6.86 -22.28 5.73
CA LEU E 20 -6.78 -23.61 5.09
C LEU E 20 -8.10 -23.89 4.36
N ILE E 21 -8.01 -24.23 3.08
CA ILE E 21 -9.15 -24.75 2.29
C ILE E 21 -8.83 -26.21 1.94
N HIS E 22 -9.45 -27.14 2.65
CA HIS E 22 -9.20 -28.60 2.46
C HIS E 22 -10.45 -29.24 1.86
N PHE E 23 -10.33 -29.88 0.70
CA PHE E 23 -11.48 -30.59 0.09
C PHE E 23 -11.28 -32.09 0.26
N GLU E 24 -12.38 -32.84 0.36
CA GLU E 24 -12.41 -34.32 0.33
C GLU E 24 -13.37 -34.73 -0.78
N ILE E 25 -12.91 -35.59 -1.68
CA ILE E 25 -13.71 -36.11 -2.83
C ILE E 25 -14.23 -37.49 -2.47
N GLU E 26 -15.54 -37.70 -2.63
CA GLU E 26 -16.30 -38.91 -2.20
C GLU E 26 -16.38 -39.90 -3.37
N LYS E 27 -16.73 -39.43 -4.56
CA LYS E 27 -16.69 -40.25 -5.81
C LYS E 27 -15.95 -39.45 -6.87
N PRO E 28 -15.35 -40.12 -7.89
CA PRO E 28 -14.59 -39.44 -8.95
C PRO E 28 -15.39 -38.30 -9.57
N ILE E 29 -14.77 -37.12 -9.67
CA ILE E 29 -15.44 -35.87 -10.13
C ILE E 29 -15.14 -35.69 -11.62
N LYS E 30 -16.02 -34.96 -12.30
CA LYS E 30 -15.91 -34.63 -13.73
C LYS E 30 -15.63 -33.13 -13.82
N PRO E 31 -14.96 -32.67 -14.89
CA PRO E 31 -14.65 -31.24 -15.04
C PRO E 31 -15.85 -30.29 -14.95
N GLU E 32 -17.04 -30.74 -15.36
CA GLU E 32 -18.28 -29.92 -15.30
C GLU E 32 -18.54 -29.51 -13.84
N ILE E 33 -17.97 -30.19 -12.85
CA ILE E 33 -18.18 -29.78 -11.42
C ILE E 33 -17.60 -28.38 -11.22
N LEU E 34 -16.67 -27.94 -12.06
CA LEU E 34 -16.06 -26.59 -11.89
C LEU E 34 -17.13 -25.52 -12.07
N LYS E 35 -18.13 -25.78 -12.93
CA LYS E 35 -19.26 -24.84 -13.19
C LYS E 35 -20.19 -24.78 -11.97
N GLU E 36 -20.21 -25.82 -11.12
CA GLU E 36 -21.22 -25.98 -10.05
C GLU E 36 -20.64 -25.56 -8.69
N ILE E 37 -19.36 -25.82 -8.45
CA ILE E 37 -18.68 -25.59 -7.14
C ILE E 37 -19.01 -24.19 -6.60
N GLU E 38 -19.48 -24.14 -5.36
CA GLU E 38 -19.53 -22.90 -4.54
C GLU E 38 -18.20 -22.79 -3.79
N ILE E 39 -17.40 -21.78 -4.12
CA ILE E 39 -16.06 -21.49 -3.53
C ILE E 39 -16.28 -20.94 -2.12
N PRO E 40 -15.66 -21.53 -1.07
CA PRO E 40 -15.69 -20.93 0.26
C PRO E 40 -15.21 -19.47 0.22
N SER E 41 -15.89 -18.59 0.95
CA SER E 41 -15.44 -17.20 1.16
C SER E 41 -14.37 -17.25 2.25
N VAL E 42 -13.42 -16.32 2.23
CA VAL E 42 -12.27 -16.31 3.17
C VAL E 42 -12.05 -14.86 3.53
N ASP E 43 -11.33 -14.63 4.62
CA ASP E 43 -10.70 -13.33 4.93
C ASP E 43 -9.65 -13.05 3.85
N THR E 44 -9.94 -12.10 2.94
CA THR E 44 -9.10 -11.79 1.75
C THR E 44 -7.84 -11.01 2.15
N ARG E 45 -7.72 -10.65 3.43
N ARG E 45 -7.73 -10.62 3.43
CA ARG E 45 -6.52 -9.96 3.97
CA ARG E 45 -6.53 -9.98 4.01
C ARG E 45 -5.48 -11.00 4.43
C ARG E 45 -5.47 -11.02 4.37
N LYS E 46 -5.83 -12.30 4.41
CA LYS E 46 -4.92 -13.44 4.75
C LYS E 46 -4.72 -14.31 3.50
N GLY E 47 -3.55 -14.91 3.35
CA GLY E 47 -3.30 -15.89 2.28
C GLY E 47 -4.08 -17.17 2.49
N VAL E 48 -4.02 -18.05 1.49
CA VAL E 48 -4.80 -19.32 1.44
C VAL E 48 -3.85 -20.51 1.23
N VAL E 49 -4.12 -21.60 1.96
CA VAL E 49 -3.51 -22.93 1.68
C VAL E 49 -4.58 -23.86 1.13
N ILE E 50 -4.36 -24.41 -0.06
CA ILE E 50 -5.32 -25.36 -0.71
C ILE E 50 -4.77 -26.78 -0.56
N SER E 51 -5.60 -27.65 0.00
CA SER E 51 -5.29 -29.05 0.37
C SER E 51 -6.34 -29.98 -0.21
N GLY E 52 -5.93 -31.18 -0.64
CA GLY E 52 -6.87 -32.28 -0.91
C GLY E 52 -6.36 -33.25 -1.93
N ARG E 53 -6.83 -34.49 -1.84
CA ARG E 53 -6.59 -35.53 -2.87
C ARG E 53 -7.59 -35.33 -3.98
N GLY E 54 -7.18 -34.64 -5.03
CA GLY E 54 -8.06 -34.34 -6.15
C GLY E 54 -7.23 -34.00 -7.38
N PRO E 55 -7.87 -33.98 -8.55
CA PRO E 55 -7.13 -33.80 -9.80
C PRO E 55 -6.46 -32.42 -9.84
N ILE E 56 -5.38 -32.36 -10.59
CA ILE E 56 -4.56 -31.14 -10.74
C ILE E 56 -5.48 -30.02 -11.24
N TRP E 57 -6.42 -30.32 -12.14
CA TRP E 57 -7.28 -29.26 -12.73
C TRP E 57 -8.19 -28.65 -11.63
N LEU E 58 -8.57 -29.41 -10.59
CA LEU E 58 -9.37 -28.86 -9.47
C LEU E 58 -8.46 -27.95 -8.64
N HIS E 59 -7.22 -28.36 -8.40
CA HIS E 59 -6.27 -27.55 -7.59
C HIS E 59 -5.99 -26.21 -8.31
N CYS E 60 -5.75 -26.26 -9.62
CA CYS E 60 -5.43 -25.09 -10.47
C CYS E 60 -6.64 -24.16 -10.48
N PHE E 61 -7.85 -24.71 -10.51
CA PHE E 61 -9.11 -23.93 -10.53
C PHE E 61 -9.20 -23.19 -9.19
N LEU E 62 -9.02 -23.89 -8.09
CA LEU E 62 -9.16 -23.27 -6.76
C LEU E 62 -8.05 -22.22 -6.58
N ALA E 63 -6.81 -22.52 -6.97
CA ALA E 63 -5.65 -21.62 -6.81
C ALA E 63 -5.99 -20.28 -7.49
N HIS E 64 -6.55 -20.32 -8.70
CA HIS E 64 -6.91 -19.10 -9.47
C HIS E 64 -8.02 -18.32 -8.74
N LYS E 65 -9.00 -19.02 -8.17
CA LYS E 65 -10.14 -18.39 -7.45
C LYS E 65 -9.64 -17.59 -6.24
N TYR E 66 -8.44 -17.86 -5.73
CA TYR E 66 -7.90 -17.19 -4.52
C TYR E 66 -6.74 -16.26 -4.86
N ALA E 67 -6.56 -15.90 -6.14
CA ALA E 67 -5.45 -15.01 -6.59
C ALA E 67 -5.62 -13.59 -6.04
N HIS E 68 -6.80 -13.22 -5.55
CA HIS E 68 -7.10 -11.87 -4.98
C HIS E 68 -6.63 -11.77 -3.52
N THR E 69 -6.07 -12.84 -2.94
CA THR E 69 -5.55 -12.84 -1.55
C THR E 69 -4.04 -12.61 -1.54
N PRO E 70 -3.41 -12.36 -0.37
CA PRO E 70 -1.97 -12.11 -0.33
C PRO E 70 -1.04 -13.20 -0.91
N PHE E 71 -1.42 -14.46 -0.82
CA PHE E 71 -0.63 -15.56 -1.43
C PHE E 71 -1.51 -16.79 -1.52
N VAL E 72 -1.17 -17.67 -2.44
CA VAL E 72 -1.81 -19.01 -2.57
C VAL E 72 -0.68 -20.03 -2.45
N ALA E 73 -0.91 -21.01 -1.57
CA ALA E 73 0.02 -22.13 -1.32
C ALA E 73 -0.75 -23.43 -1.53
N VAL E 74 -0.11 -24.39 -2.19
CA VAL E 74 -0.68 -25.72 -2.48
C VAL E 74 -0.02 -26.73 -1.52
N TYR E 75 -0.83 -27.42 -0.72
CA TYR E 75 -0.38 -28.42 0.26
C TYR E 75 0.28 -29.60 -0.46
N ASP E 76 1.51 -29.91 -0.06
CA ASP E 76 2.22 -31.17 -0.42
C ASP E 76 2.47 -31.95 0.87
N PRO E 77 1.86 -33.14 1.06
CA PRO E 77 2.07 -33.92 2.29
C PRO E 77 3.54 -34.19 2.60
N ARG E 78 4.43 -34.14 1.60
CA ARG E 78 5.87 -34.45 1.76
C ARG E 78 6.62 -33.26 2.38
N LEU E 79 6.07 -32.05 2.27
CA LEU E 79 6.85 -30.79 2.44
C LEU E 79 6.15 -29.78 3.37
N GLY E 80 4.84 -29.64 3.26
CA GLY E 80 4.08 -28.46 3.74
C GLY E 80 3.39 -27.77 2.57
N ALA E 81 3.00 -26.50 2.73
CA ALA E 81 2.25 -25.71 1.73
C ALA E 81 3.28 -24.94 0.89
N VAL E 82 3.35 -25.26 -0.41
CA VAL E 82 4.30 -24.61 -1.32
C VAL E 82 3.61 -23.37 -1.87
N VAL E 83 4.25 -22.21 -1.73
CA VAL E 83 3.72 -20.94 -2.28
C VAL E 83 3.84 -20.97 -3.80
N VAL E 84 2.71 -20.88 -4.51
CA VAL E 84 2.67 -20.94 -6.00
C VAL E 84 2.37 -19.54 -6.56
N GLN E 85 1.74 -18.68 -5.78
CA GLN E 85 1.44 -17.28 -6.17
C GLN E 85 1.75 -16.44 -4.96
N SER E 86 2.60 -15.44 -5.14
CA SER E 86 2.84 -14.37 -4.15
C SER E 86 2.37 -13.06 -4.77
N HIS E 87 1.47 -12.36 -4.08
CA HIS E 87 0.88 -11.10 -4.58
C HIS E 87 1.45 -10.00 -3.70
N SER E 88 1.14 -10.05 -2.41
CA SER E 88 1.65 -9.09 -1.39
C SER E 88 2.57 -9.77 -0.38
N GLU E 89 2.57 -11.10 -0.32
CA GLU E 89 3.26 -11.85 0.77
C GLU E 89 4.00 -13.09 0.23
N LEU E 90 5.09 -13.46 0.96
CA LEU E 90 5.95 -14.66 0.82
C LEU E 90 6.58 -14.63 -0.58
N ARG E 91 7.37 -15.64 -0.93
CA ARG E 91 8.00 -15.80 -2.26
C ARG E 91 7.53 -17.15 -2.85
N GLU E 92 7.22 -17.17 -4.14
CA GLU E 92 6.95 -18.40 -4.93
C GLU E 92 8.09 -19.40 -4.63
N GLY E 93 7.76 -20.63 -4.31
CA GLY E 93 8.76 -21.65 -3.95
C GLY E 93 8.92 -21.77 -2.45
N ASP E 94 8.52 -20.76 -1.67
CA ASP E 94 8.63 -20.86 -0.20
C ASP E 94 7.74 -22.02 0.23
N VAL E 95 8.07 -22.60 1.39
CA VAL E 95 7.32 -23.72 2.01
C VAL E 95 6.83 -23.28 3.39
N ILE E 96 5.54 -23.27 3.61
CA ILE E 96 4.93 -23.04 4.94
C ILE E 96 4.89 -24.40 5.64
N ASP E 97 5.68 -24.55 6.70
CA ASP E 97 5.80 -25.81 7.46
C ASP E 97 4.49 -26.06 8.20
N VAL E 98 3.51 -26.67 7.55
CA VAL E 98 2.26 -27.13 8.21
C VAL E 98 2.02 -28.60 7.88
N VAL E 99 1.27 -29.24 8.76
CA VAL E 99 0.79 -30.64 8.59
C VAL E 99 -0.72 -30.54 8.65
N VAL E 100 -1.39 -30.84 7.53
CA VAL E 100 -2.85 -30.58 7.36
C VAL E 100 -3.65 -31.34 8.42
N GLU E 101 -3.24 -32.56 8.77
CA GLU E 101 -3.96 -33.44 9.73
C GLU E 101 -3.94 -32.78 11.11
N GLU E 102 -2.81 -32.19 11.49
CA GLU E 102 -2.67 -31.44 12.76
C GLU E 102 -3.68 -30.28 12.76
N ILE E 103 -3.93 -29.63 11.62
CA ILE E 103 -4.84 -28.44 11.54
C ILE E 103 -6.30 -28.92 11.54
N LEU E 104 -6.63 -30.05 10.89
CA LEU E 104 -8.03 -30.49 10.68
C LEU E 104 -8.71 -30.92 11.99
N MET F 8 14.62 -30.52 -15.60
CA MET F 8 13.28 -30.13 -16.18
C MET F 8 13.46 -29.57 -17.60
N LYS F 9 12.67 -30.02 -18.57
CA LYS F 9 12.71 -29.49 -19.95
C LYS F 9 11.27 -29.22 -20.41
N PHE F 10 11.08 -28.16 -21.22
CA PHE F 10 9.77 -27.81 -21.82
C PHE F 10 9.77 -28.16 -23.30
N ALA F 11 8.68 -28.74 -23.80
CA ALA F 11 8.29 -28.73 -25.22
C ALA F 11 7.14 -27.71 -25.40
N VAL F 12 7.31 -26.77 -26.33
CA VAL F 12 6.34 -25.69 -26.63
C VAL F 12 5.86 -25.92 -28.05
N ILE F 13 4.58 -26.22 -28.25
CA ILE F 13 4.06 -26.56 -29.60
C ILE F 13 2.87 -25.65 -29.92
N ASP F 14 2.90 -25.03 -31.11
CA ASP F 14 1.88 -24.08 -31.61
C ASP F 14 0.72 -24.87 -32.22
N ARG F 15 -0.50 -24.64 -31.72
CA ARG F 15 -1.76 -25.07 -32.35
C ARG F 15 -2.52 -23.80 -32.75
N LYS F 16 -3.67 -23.95 -33.44
CA LYS F 16 -4.47 -22.82 -33.97
C LYS F 16 -4.94 -21.94 -32.81
N ASN F 17 -5.57 -22.57 -31.81
CA ASN F 17 -6.38 -21.93 -30.76
C ASN F 17 -5.63 -21.89 -29.42
N PHE F 18 -4.42 -22.46 -29.34
CA PHE F 18 -3.65 -22.55 -28.07
C PHE F 18 -2.21 -22.96 -28.32
N THR F 19 -1.34 -22.66 -27.37
CA THR F 19 0.05 -23.14 -27.32
C THR F 19 0.09 -24.30 -26.31
N LEU F 20 0.61 -25.48 -26.70
CA LEU F 20 0.84 -26.61 -25.76
C LEU F 20 2.18 -26.35 -25.06
N ILE F 21 2.16 -26.19 -23.73
CA ILE F 21 3.38 -26.23 -22.87
C ILE F 21 3.42 -27.61 -22.20
N HIS F 22 4.33 -28.48 -22.64
CA HIS F 22 4.55 -29.82 -22.01
C HIS F 22 5.89 -29.83 -21.30
N PHE F 23 5.92 -30.20 -20.04
CA PHE F 23 7.19 -30.30 -19.30
C PHE F 23 7.49 -31.79 -19.10
N GLU F 24 8.77 -32.07 -18.82
CA GLU F 24 9.32 -33.40 -18.41
C GLU F 24 10.32 -33.20 -17.28
N ILE F 25 10.18 -33.93 -16.18
CA ILE F 25 11.09 -33.85 -15.00
C ILE F 25 11.98 -35.08 -15.04
N GLU F 26 13.31 -34.89 -15.05
CA GLU F 26 14.31 -35.98 -15.15
C GLU F 26 14.52 -36.51 -13.72
N LYS F 27 14.81 -35.62 -12.77
CA LYS F 27 15.03 -35.96 -11.34
C LYS F 27 13.98 -35.24 -10.49
N PRO F 28 13.62 -35.76 -9.29
CA PRO F 28 12.71 -35.06 -8.38
C PRO F 28 13.11 -33.59 -8.18
N ILE F 29 12.14 -32.68 -8.20
CA ILE F 29 12.39 -31.22 -8.04
C ILE F 29 11.99 -30.81 -6.62
N LYS F 30 12.66 -29.77 -6.08
CA LYS F 30 12.31 -29.13 -4.78
C LYS F 30 11.55 -27.83 -5.09
N PRO F 31 10.65 -27.35 -4.20
CA PRO F 31 9.95 -26.08 -4.40
C PRO F 31 10.84 -24.85 -4.66
N GLU F 32 12.03 -24.81 -4.05
CA GLU F 32 13.12 -23.85 -4.42
C GLU F 32 13.18 -23.63 -5.94
N ILE F 33 12.85 -24.63 -6.77
CA ILE F 33 13.01 -24.51 -8.26
C ILE F 33 12.09 -23.43 -8.84
N LEU F 34 11.01 -23.04 -8.15
CA LEU F 34 10.04 -22.06 -8.72
C LEU F 34 10.73 -20.69 -8.84
N LYS F 35 11.64 -20.38 -7.93
CA LYS F 35 12.50 -19.17 -7.98
C LYS F 35 13.43 -19.16 -9.20
N GLU F 36 13.76 -20.30 -9.80
CA GLU F 36 14.85 -20.38 -10.82
C GLU F 36 14.29 -20.77 -12.20
N ILE F 37 13.05 -21.20 -12.32
CA ILE F 37 12.51 -21.73 -13.62
C ILE F 37 12.47 -20.57 -14.62
N GLU F 38 12.95 -20.82 -15.85
CA GLU F 38 12.70 -19.96 -17.04
C GLU F 38 11.39 -20.47 -17.70
N ILE F 39 10.34 -19.66 -17.61
CA ILE F 39 8.99 -19.91 -18.19
C ILE F 39 9.12 -19.73 -19.70
N PRO F 40 8.70 -20.69 -20.55
CA PRO F 40 8.61 -20.45 -21.99
C PRO F 40 7.76 -19.20 -22.33
N SER F 41 8.24 -18.41 -23.28
CA SER F 41 7.47 -17.26 -23.83
C SER F 41 6.49 -17.84 -24.84
N VAL F 42 5.27 -17.33 -24.85
CA VAL F 42 4.19 -17.82 -25.75
C VAL F 42 3.59 -16.59 -26.42
N ASP F 43 2.84 -16.83 -27.48
CA ASP F 43 1.92 -15.85 -28.07
C ASP F 43 0.79 -15.65 -27.05
N THR F 44 0.78 -14.52 -26.34
CA THR F 44 -0.17 -14.21 -25.22
C THR F 44 -1.56 -13.94 -25.78
N ARG F 45 -1.71 -13.83 -27.09
CA ARG F 45 -3.08 -13.66 -27.67
CA ARG F 45 -3.03 -13.67 -27.76
C ARG F 45 -3.74 -15.02 -27.89
N LYS F 46 -3.05 -16.12 -27.57
CA LYS F 46 -3.64 -17.50 -27.64
C LYS F 46 -3.62 -18.11 -26.24
N GLY F 47 -4.62 -18.93 -25.94
CA GLY F 47 -4.66 -19.71 -24.69
C GLY F 47 -3.51 -20.68 -24.58
N VAL F 48 -3.39 -21.28 -23.41
CA VAL F 48 -2.30 -22.25 -23.06
C VAL F 48 -2.92 -23.54 -22.54
N VAL F 49 -2.46 -24.68 -23.04
CA VAL F 49 -2.70 -26.02 -22.43
C VAL F 49 -1.41 -26.46 -21.75
N ILE F 50 -1.45 -26.75 -20.46
CA ILE F 50 -0.22 -27.14 -19.72
C ILE F 50 -0.28 -28.65 -19.50
N SER F 51 0.83 -29.34 -19.77
CA SER F 51 0.96 -30.82 -19.69
C SER F 51 2.25 -31.20 -18.98
N GLY F 52 2.20 -32.27 -18.18
CA GLY F 52 3.41 -32.93 -17.66
C GLY F 52 3.10 -33.75 -16.43
N ARG F 53 3.92 -34.77 -16.16
CA ARG F 53 3.93 -35.48 -14.87
C ARG F 53 4.80 -34.68 -13.91
N GLY F 54 4.16 -33.99 -12.97
CA GLY F 54 4.90 -33.26 -11.93
C GLY F 54 3.97 -32.85 -10.80
N PRO F 55 4.56 -32.31 -9.72
CA PRO F 55 3.79 -32.02 -8.52
C PRO F 55 2.69 -30.99 -8.81
N ILE F 56 1.58 -31.10 -8.10
CA ILE F 56 0.42 -30.19 -8.24
C ILE F 56 0.93 -28.74 -8.13
N TRP F 57 1.83 -28.47 -7.20
CA TRP F 57 2.34 -27.10 -7.01
C TRP F 57 3.07 -26.61 -8.28
N LEU F 58 3.73 -27.48 -9.04
CA LEU F 58 4.38 -27.03 -10.28
C LEU F 58 3.28 -26.62 -11.24
N HIS F 59 2.25 -27.44 -11.41
CA HIS F 59 1.11 -27.13 -12.31
C HIS F 59 0.46 -25.80 -11.92
N CYS F 60 0.18 -25.57 -10.62
CA CYS F 60 -0.53 -24.35 -10.17
C CYS F 60 0.37 -23.12 -10.42
N PHE F 61 1.66 -23.28 -10.17
CA PHE F 61 2.67 -22.23 -10.49
C PHE F 61 2.57 -21.89 -11.97
N LEU F 62 2.63 -22.89 -12.85
CA LEU F 62 2.64 -22.62 -14.31
C LEU F 62 1.29 -21.99 -14.72
N ALA F 63 0.17 -22.51 -14.23
CA ALA F 63 -1.20 -22.00 -14.52
C ALA F 63 -1.28 -20.49 -14.21
N HIS F 64 -0.72 -20.04 -13.09
CA HIS F 64 -0.71 -18.61 -12.69
C HIS F 64 0.20 -17.83 -13.64
N LYS F 65 1.35 -18.40 -14.01
CA LYS F 65 2.30 -17.74 -14.93
C LYS F 65 1.66 -17.50 -16.27
N TYR F 66 0.62 -18.24 -16.69
CA TYR F 66 -0.05 -18.03 -18.01
C TYR F 66 -1.47 -17.45 -17.89
N ALA F 67 -1.83 -16.91 -16.72
CA ALA F 67 -3.17 -16.34 -16.43
C ALA F 67 -3.43 -15.09 -17.28
N HIS F 68 -2.39 -14.40 -17.71
CA HIS F 68 -2.44 -13.21 -18.61
C HIS F 68 -2.78 -13.60 -20.07
N THR F 69 -3.09 -14.86 -20.39
CA THR F 69 -3.52 -15.31 -21.75
C THR F 69 -5.02 -15.49 -21.77
N PRO F 70 -5.64 -15.71 -22.95
CA PRO F 70 -7.08 -15.88 -23.03
C PRO F 70 -7.65 -17.00 -22.16
N PHE F 71 -6.88 -18.05 -21.93
CA PHE F 71 -7.33 -19.16 -21.05
C PHE F 71 -6.17 -20.08 -20.71
N VAL F 72 -6.35 -20.82 -19.62
CA VAL F 72 -5.38 -21.86 -19.18
C VAL F 72 -6.17 -23.15 -19.01
N ALA F 73 -5.72 -24.21 -19.68
CA ALA F 73 -6.31 -25.57 -19.58
C ALA F 73 -5.21 -26.51 -19.09
N VAL F 74 -5.58 -27.44 -18.22
CA VAL F 74 -4.64 -28.43 -17.62
C VAL F 74 -4.96 -29.79 -18.24
N TYR F 75 -3.96 -30.41 -18.87
CA TYR F 75 -4.12 -31.71 -19.55
C TYR F 75 -4.38 -32.80 -18.51
N ASP F 76 -5.38 -33.61 -18.81
CA ASP F 76 -5.74 -34.82 -18.03
C ASP F 76 -5.82 -35.95 -19.04
N PRO F 77 -4.85 -36.88 -19.04
CA PRO F 77 -4.79 -37.99 -20.01
C PRO F 77 -6.11 -38.76 -20.15
N ARG F 78 -6.94 -38.69 -19.12
CA ARG F 78 -8.22 -39.41 -19.08
C ARG F 78 -9.30 -38.70 -19.90
N LEU F 79 -9.16 -37.38 -20.14
CA LEU F 79 -10.27 -36.49 -20.58
C LEU F 79 -9.86 -35.62 -21.77
N GLY F 80 -8.67 -35.03 -21.73
CA GLY F 80 -8.30 -33.85 -22.55
C GLY F 80 -7.79 -32.73 -21.66
N ALA F 81 -7.84 -31.49 -22.18
CA ALA F 81 -7.39 -30.28 -21.48
C ALA F 81 -8.60 -29.64 -20.81
N VAL F 82 -8.54 -29.62 -19.48
CA VAL F 82 -9.62 -29.04 -18.64
C VAL F 82 -9.34 -27.54 -18.46
N VAL F 83 -10.28 -26.70 -18.88
CA VAL F 83 -10.20 -25.23 -18.72
C VAL F 83 -10.39 -24.86 -17.26
N VAL F 84 -9.35 -24.31 -16.64
CA VAL F 84 -9.39 -23.96 -15.19
C VAL F 84 -9.55 -22.45 -15.00
N GLN F 85 -9.18 -21.64 -16.00
CA GLN F 85 -9.34 -20.15 -16.03
C GLN F 85 -9.67 -19.73 -17.46
N SER F 86 -10.62 -18.82 -17.69
CA SER F 86 -10.96 -18.34 -19.07
C SER F 86 -11.30 -16.86 -19.11
N HIS F 87 -10.75 -16.17 -20.12
CA HIS F 87 -11.11 -14.78 -20.51
C HIS F 87 -11.49 -14.80 -22.00
N SER F 88 -12.04 -15.93 -22.42
CA SER F 88 -12.43 -16.28 -23.80
C SER F 88 -13.84 -16.89 -23.80
N GLU F 89 -14.32 -17.38 -24.95
CA GLU F 89 -15.63 -18.07 -25.12
C GLU F 89 -15.60 -19.41 -24.36
N LEU F 90 -14.41 -19.91 -24.00
CA LEU F 90 -14.26 -21.14 -23.16
C LEU F 90 -14.73 -20.82 -21.74
N ARG F 91 -15.38 -21.80 -21.10
CA ARG F 91 -15.83 -21.76 -19.69
C ARG F 91 -14.96 -22.72 -18.89
N GLU F 92 -14.70 -22.37 -17.64
CA GLU F 92 -14.09 -23.24 -16.60
C GLU F 92 -14.89 -24.55 -16.57
N GLY F 93 -14.22 -25.69 -16.51
CA GLY F 93 -14.90 -27.00 -16.59
C GLY F 93 -15.11 -27.49 -18.01
N ASP F 94 -14.95 -26.66 -19.04
CA ASP F 94 -14.91 -27.14 -20.46
C ASP F 94 -13.66 -28.00 -20.66
N VAL F 95 -13.75 -28.96 -21.57
CA VAL F 95 -12.64 -29.90 -21.92
C VAL F 95 -12.32 -29.70 -23.38
N ILE F 96 -11.06 -29.47 -23.69
CA ILE F 96 -10.52 -29.39 -25.08
C ILE F 96 -10.07 -30.80 -25.46
N ASP F 97 -10.63 -31.34 -26.52
CA ASP F 97 -10.37 -32.73 -26.97
C ASP F 97 -9.03 -32.75 -27.69
N VAL F 98 -7.96 -32.96 -26.93
CA VAL F 98 -6.58 -33.13 -27.47
C VAL F 98 -5.95 -34.34 -26.79
N VAL F 99 -5.04 -35.00 -27.50
CA VAL F 99 -4.20 -36.12 -26.99
C VAL F 99 -2.74 -35.69 -27.13
N VAL F 100 -2.10 -35.41 -26.00
CA VAL F 100 -0.77 -34.75 -25.97
C VAL F 100 0.25 -35.64 -26.66
N GLU F 101 0.23 -36.95 -26.46
CA GLU F 101 1.23 -37.86 -27.09
C GLU F 101 1.16 -37.69 -28.61
N GLU F 102 -0.05 -37.66 -29.19
CA GLU F 102 -0.29 -37.42 -30.65
C GLU F 102 0.35 -36.09 -31.04
N ILE F 103 0.10 -35.01 -30.29
CA ILE F 103 0.64 -33.66 -30.59
C ILE F 103 2.16 -33.70 -30.46
N LEU F 104 2.69 -34.43 -29.48
CA LEU F 104 4.15 -34.57 -29.24
C LEU F 104 4.78 -35.45 -30.33
N SER G 7 -29.21 -7.27 41.85
CA SER G 7 -28.76 -8.63 42.30
C SER G 7 -27.91 -9.28 41.19
N MET G 8 -26.80 -9.91 41.57
CA MET G 8 -25.72 -10.33 40.64
C MET G 8 -25.04 -11.63 41.10
N LYS G 9 -24.84 -12.57 40.17
CA LYS G 9 -24.30 -13.92 40.43
C LYS G 9 -23.18 -14.20 39.41
N PHE G 10 -22.15 -14.92 39.83
CA PHE G 10 -20.95 -15.21 39.00
C PHE G 10 -20.90 -16.69 38.64
N ALA G 11 -20.44 -17.00 37.43
CA ALA G 11 -20.09 -18.36 36.98
C ALA G 11 -18.60 -18.35 36.63
N VAL G 12 -17.79 -19.08 37.41
CA VAL G 12 -16.31 -19.09 37.30
C VAL G 12 -15.90 -20.43 36.71
N ILE G 13 -15.19 -20.44 35.59
CA ILE G 13 -14.86 -21.68 34.85
C ILE G 13 -13.35 -21.66 34.57
N ASP G 14 -12.63 -22.63 35.13
CA ASP G 14 -11.16 -22.72 35.00
C ASP G 14 -10.85 -23.36 33.64
N ARG G 15 -9.91 -22.79 32.88
CA ARG G 15 -9.43 -23.39 31.63
C ARG G 15 -7.92 -23.44 31.72
N LYS G 16 -7.24 -24.03 30.73
CA LYS G 16 -5.76 -24.15 30.72
C LYS G 16 -5.17 -22.73 30.75
N ASN G 17 -5.63 -21.86 29.85
CA ASN G 17 -4.94 -20.60 29.49
C ASN G 17 -5.52 -19.41 30.25
N PHE G 18 -6.69 -19.55 30.86
CA PHE G 18 -7.39 -18.40 31.49
C PHE G 18 -8.50 -18.90 32.38
N THR G 19 -9.00 -18.03 33.25
CA THR G 19 -10.24 -18.22 34.01
C THR G 19 -11.32 -17.39 33.35
N LEU G 20 -12.45 -18.02 33.02
CA LEU G 20 -13.67 -17.28 32.63
C LEU G 20 -14.39 -16.83 33.88
N ILE G 21 -14.73 -15.54 33.96
CA ILE G 21 -15.66 -14.94 34.97
C ILE G 21 -16.87 -14.42 34.18
N HIS G 22 -17.99 -15.10 34.28
CA HIS G 22 -19.26 -14.73 33.60
C HIS G 22 -20.24 -14.28 34.67
N PHE G 23 -20.79 -13.07 34.59
CA PHE G 23 -21.79 -12.60 35.58
C PHE G 23 -23.16 -12.55 34.89
N GLU G 24 -24.21 -12.67 35.71
CA GLU G 24 -25.63 -12.38 35.32
C GLU G 24 -26.24 -11.46 36.38
N ILE G 25 -27.02 -10.48 35.92
CA ILE G 25 -27.65 -9.43 36.76
C ILE G 25 -29.14 -9.76 36.91
N LYS G 27 -31.63 -8.14 37.98
CA LYS G 27 -32.43 -6.88 37.97
C LYS G 27 -31.48 -5.69 37.96
N PRO G 28 -31.89 -4.52 37.40
CA PRO G 28 -31.00 -3.37 37.20
C PRO G 28 -30.22 -2.95 38.47
N ILE G 29 -28.91 -2.78 38.32
CA ILE G 29 -27.98 -2.49 39.44
C ILE G 29 -27.69 -0.99 39.48
N LYS G 30 -27.50 -0.45 40.67
CA LYS G 30 -27.03 0.95 40.91
C LYS G 30 -25.51 0.92 41.14
N PRO G 31 -24.80 2.04 40.93
CA PRO G 31 -23.36 2.12 41.18
C PRO G 31 -22.93 1.64 42.58
N GLU G 32 -23.74 1.96 43.60
CA GLU G 32 -23.50 1.60 45.02
C GLU G 32 -23.04 0.14 45.12
N ILE G 33 -23.51 -0.74 44.23
CA ILE G 33 -23.23 -2.22 44.32
C ILE G 33 -21.72 -2.49 44.23
N LEU G 34 -20.94 -1.62 43.58
CA LEU G 34 -19.46 -1.79 43.48
C LEU G 34 -18.87 -1.86 44.91
N LYS G 35 -19.43 -1.14 45.87
CA LYS G 35 -19.00 -1.16 47.30
C LYS G 35 -19.27 -2.53 47.92
N GLU G 36 -20.20 -3.33 47.39
CA GLU G 36 -20.72 -4.57 48.03
C GLU G 36 -20.26 -5.84 47.28
N ILE G 37 -19.80 -5.72 46.04
CA ILE G 37 -19.54 -6.90 45.16
C ILE G 37 -18.46 -7.80 45.77
N GLU G 38 -18.73 -9.10 45.91
CA GLU G 38 -17.71 -10.07 46.35
C GLU G 38 -17.05 -10.67 45.09
N ILE G 39 -15.83 -10.25 44.80
CA ILE G 39 -15.05 -10.66 43.59
C ILE G 39 -14.68 -12.14 43.75
N PRO G 40 -14.97 -13.00 42.76
CA PRO G 40 -14.39 -14.35 42.76
C PRO G 40 -12.85 -14.33 42.85
N SER G 41 -12.29 -15.23 43.67
CA SER G 41 -10.84 -15.58 43.72
C SER G 41 -10.49 -16.39 42.47
N VAL G 42 -9.33 -16.14 41.87
CA VAL G 42 -8.85 -16.90 40.70
C VAL G 42 -7.43 -17.42 40.97
N ASP G 43 -6.99 -18.39 40.18
CA ASP G 43 -5.55 -18.68 40.02
C ASP G 43 -4.92 -17.43 39.37
N THR G 44 -4.17 -16.64 40.15
CA THR G 44 -3.56 -15.35 39.73
C THR G 44 -2.41 -15.64 38.74
N ARG G 45 -2.06 -16.89 38.49
CA ARG G 45 -1.03 -17.21 37.47
C ARG G 45 -1.67 -17.42 36.10
N LYS G 46 -2.99 -17.28 36.00
CA LYS G 46 -3.70 -17.33 34.69
C LYS G 46 -4.46 -16.02 34.48
N GLY G 47 -4.44 -15.52 33.25
CA GLY G 47 -5.26 -14.38 32.81
C GLY G 47 -6.74 -14.64 33.05
N VAL G 48 -7.55 -13.63 32.74
CA VAL G 48 -9.00 -13.65 33.06
C VAL G 48 -9.79 -13.17 31.83
N VAL G 49 -10.87 -13.88 31.53
CA VAL G 49 -11.89 -13.42 30.55
C VAL G 49 -13.12 -13.05 31.36
N ILE G 50 -13.58 -11.82 31.22
CA ILE G 50 -14.80 -11.30 31.91
C ILE G 50 -15.94 -11.25 30.88
N SER G 51 -17.10 -11.77 31.25
CA SER G 51 -18.30 -11.90 30.38
C SER G 51 -19.53 -11.48 31.19
N GLY G 52 -20.53 -10.87 30.54
CA GLY G 52 -21.85 -10.61 31.13
C GLY G 52 -22.56 -9.42 30.52
N ARG G 53 -23.89 -9.42 30.59
CA ARG G 53 -24.75 -8.30 30.13
C ARG G 53 -24.86 -7.36 31.31
N GLY G 54 -24.27 -6.18 31.19
CA GLY G 54 -24.28 -5.22 32.30
C GLY G 54 -23.56 -3.94 31.92
N PRO G 55 -23.69 -2.91 32.75
CA PRO G 55 -23.22 -1.59 32.36
C PRO G 55 -21.69 -1.53 32.26
N ILE G 56 -21.22 -0.58 31.45
CA ILE G 56 -19.80 -0.45 31.05
C ILE G 56 -19.01 -0.26 32.34
N TRP G 57 -19.53 0.50 33.30
CA TRP G 57 -18.83 0.76 34.57
C TRP G 57 -18.62 -0.54 35.34
N LEU G 58 -19.52 -1.54 35.23
CA LEU G 58 -19.38 -2.80 35.98
C LEU G 58 -18.21 -3.59 35.39
N HIS G 59 -18.12 -3.64 34.06
CA HIS G 59 -17.01 -4.31 33.35
C HIS G 59 -15.68 -3.64 33.69
N CYS G 60 -15.62 -2.31 33.66
CA CYS G 60 -14.41 -1.52 33.96
C CYS G 60 -13.96 -1.83 35.38
N PHE G 61 -14.89 -1.81 36.34
CA PHE G 61 -14.60 -2.12 37.76
C PHE G 61 -14.00 -3.51 37.88
N LEU G 62 -14.60 -4.51 37.23
CA LEU G 62 -14.14 -5.93 37.26
C LEU G 62 -12.79 -6.05 36.56
N ALA G 63 -12.60 -5.38 35.42
CA ALA G 63 -11.34 -5.46 34.64
C ALA G 63 -10.18 -4.98 35.55
N HIS G 64 -10.42 -3.97 36.39
CA HIS G 64 -9.39 -3.42 37.29
C HIS G 64 -9.09 -4.42 38.40
N LYS G 65 -10.12 -5.05 38.95
CA LYS G 65 -9.97 -6.05 40.04
C LYS G 65 -9.12 -7.25 39.59
N TYR G 66 -8.83 -7.45 38.31
CA TYR G 66 -8.02 -8.59 37.82
C TYR G 66 -6.76 -8.11 37.12
N ALA G 67 -6.40 -6.84 37.31
CA ALA G 67 -5.18 -6.22 36.73
C ALA G 67 -3.93 -6.88 37.29
N HIS G 68 -4.03 -7.62 38.39
CA HIS G 68 -2.89 -8.33 39.02
C HIS G 68 -2.64 -9.69 38.36
N THR G 69 -3.41 -10.10 37.34
CA THR G 69 -3.25 -11.41 36.67
C THR G 69 -2.44 -11.16 35.40
N PRO G 70 -2.01 -12.21 34.68
CA PRO G 70 -1.26 -12.05 33.44
C PRO G 70 -1.90 -11.22 32.31
N PHE G 71 -3.23 -11.23 32.20
CA PHE G 71 -4.01 -10.41 31.23
C PHE G 71 -5.49 -10.36 31.61
N VAL G 72 -6.16 -9.30 31.15
CA VAL G 72 -7.65 -9.17 31.25
C VAL G 72 -8.20 -9.03 29.83
N ALA G 73 -9.12 -9.93 29.45
CA ALA G 73 -9.87 -9.91 28.17
C ALA G 73 -11.35 -9.64 28.47
N VAL G 74 -12.00 -8.80 27.67
CA VAL G 74 -13.45 -8.51 27.78
C VAL G 74 -14.17 -9.33 26.71
N TYR G 75 -15.17 -10.12 27.10
CA TYR G 75 -15.96 -10.93 26.12
C TYR G 75 -16.85 -9.99 25.29
N ASP G 76 -16.73 -10.15 23.97
CA ASP G 76 -17.61 -9.53 22.95
C ASP G 76 -18.25 -10.65 22.14
N PRO G 77 -19.57 -10.89 22.27
CA PRO G 77 -20.23 -11.99 21.58
C PRO G 77 -20.00 -12.03 20.07
N ARG G 78 -19.64 -10.88 19.48
CA ARG G 78 -19.44 -10.70 18.03
C ARG G 78 -18.09 -11.25 17.60
N LEU G 79 -17.14 -11.39 18.53
CA LEU G 79 -15.69 -11.50 18.21
C LEU G 79 -15.00 -12.62 19.00
N GLY G 80 -15.27 -12.75 20.28
CA GLY G 80 -14.40 -13.50 21.21
C GLY G 80 -13.98 -12.58 22.34
N ALA G 81 -12.91 -12.91 23.06
CA ALA G 81 -12.49 -12.17 24.27
C ALA G 81 -11.42 -11.18 23.83
N VAL G 82 -11.73 -9.89 23.91
CA VAL G 82 -10.79 -8.83 23.46
C VAL G 82 -9.81 -8.52 24.62
N VAL G 83 -8.52 -8.61 24.37
CA VAL G 83 -7.48 -8.34 25.41
C VAL G 83 -7.37 -6.84 25.62
N VAL G 84 -7.70 -6.36 26.82
CA VAL G 84 -7.74 -4.90 27.13
C VAL G 84 -6.55 -4.51 28.03
N GLN G 85 -5.98 -5.45 28.80
CA GLN G 85 -4.71 -5.30 29.57
C GLN G 85 -3.88 -6.57 29.37
N SER G 86 -2.64 -6.42 28.89
CA SER G 86 -1.60 -7.47 28.87
C SER G 86 -0.50 -7.07 29.85
N HIS G 87 -0.29 -7.88 30.89
CA HIS G 87 0.74 -7.59 31.91
C HIS G 87 1.94 -8.45 31.54
N SER G 88 1.75 -9.76 31.48
CA SER G 88 2.83 -10.73 31.14
C SER G 88 2.55 -11.49 29.84
N GLU G 89 1.32 -11.51 29.33
CA GLU G 89 0.90 -12.44 28.25
C GLU G 89 -0.01 -11.71 27.24
N LEU G 90 0.02 -12.15 25.98
CA LEU G 90 -0.78 -11.62 24.83
C LEU G 90 -0.50 -10.12 24.62
N ARG G 91 -1.17 -9.51 23.63
CA ARG G 91 -1.09 -8.05 23.33
C ARG G 91 -2.50 -7.45 23.38
N GLU G 92 -2.62 -6.22 23.87
CA GLU G 92 -3.86 -5.39 23.82
C GLU G 92 -4.36 -5.34 22.38
N GLY G 93 -5.63 -5.70 22.17
CA GLY G 93 -6.20 -5.74 20.81
C GLY G 93 -6.28 -7.15 20.25
N ASP G 94 -5.50 -8.09 20.80
CA ASP G 94 -5.63 -9.54 20.49
C ASP G 94 -7.03 -10.03 20.83
N VAL G 95 -7.49 -11.00 20.04
CA VAL G 95 -8.80 -11.66 20.23
C VAL G 95 -8.58 -13.15 20.52
N ILE G 96 -8.96 -13.58 21.70
CA ILE G 96 -8.98 -15.02 22.12
C ILE G 96 -10.25 -15.62 21.51
N ASP G 97 -10.07 -16.52 20.54
CA ASP G 97 -11.18 -17.16 19.79
C ASP G 97 -11.92 -18.09 20.73
N VAL G 98 -12.87 -17.54 21.50
CA VAL G 98 -13.75 -18.31 22.43
C VAL G 98 -15.20 -17.89 22.19
N VAL G 99 -16.12 -18.83 22.43
CA VAL G 99 -17.60 -18.62 22.48
C VAL G 99 -18.01 -18.98 23.91
N VAL G 100 -18.50 -18.01 24.68
CA VAL G 100 -18.75 -18.17 26.14
C VAL G 100 -19.78 -19.27 26.36
N GLU G 101 -20.81 -19.36 25.52
CA GLU G 101 -21.86 -20.42 25.62
C GLU G 101 -21.22 -21.81 25.57
N GLU G 102 -20.21 -22.01 24.70
CA GLU G 102 -19.52 -23.30 24.49
C GLU G 102 -18.54 -23.59 25.64
N ILE G 103 -18.00 -22.56 26.29
CA ILE G 103 -17.18 -22.71 27.53
C ILE G 103 -18.09 -23.08 28.70
N LEU G 104 -19.26 -22.45 28.84
CA LEU G 104 -20.19 -22.75 29.97
C LEU G 104 -20.79 -24.16 29.79
N LYS G 105 -20.81 -24.72 28.57
CA LYS G 105 -21.45 -26.03 28.24
C LYS G 105 -20.48 -27.17 28.61
N GLY G 106 -20.66 -27.75 29.80
CA GLY G 106 -19.78 -28.80 30.33
C GLY G 106 -18.46 -28.23 30.85
N GLY G 107 -18.42 -26.94 31.22
CA GLY G 107 -17.30 -26.35 31.96
C GLY G 107 -17.38 -26.66 33.46
N VAL G 108 -16.22 -26.79 34.13
CA VAL G 108 -16.12 -27.05 35.59
C VAL G 108 -15.85 -25.72 36.34
N ARG G 109 -16.46 -25.54 37.52
CA ARG G 109 -16.32 -24.35 38.42
C ARG G 109 -14.87 -24.20 38.88
N ASN H 3 -5.11 4.16 8.44
CA ASN H 3 -6.48 4.37 7.87
C ASN H 3 -6.53 5.75 7.18
N ALA H 4 -7.10 5.80 5.97
CA ALA H 4 -7.30 7.06 5.20
C ALA H 4 -8.09 8.06 6.04
N MET H 5 -9.15 7.58 6.69
CA MET H 5 -10.07 8.39 7.53
C MET H 5 -10.07 7.85 8.96
N ALA H 6 -10.07 8.74 9.96
CA ALA H 6 -10.15 8.42 11.39
C ALA H 6 -11.53 7.83 11.69
N SER H 7 -11.57 6.58 12.15
CA SER H 7 -12.80 5.92 12.65
C SER H 7 -13.19 6.48 14.03
N MET H 8 -12.32 7.27 14.67
CA MET H 8 -12.42 7.60 16.12
C MET H 8 -11.70 8.93 16.42
N LYS H 9 -12.32 9.82 17.17
CA LYS H 9 -11.74 11.13 17.54
C LYS H 9 -11.95 11.31 19.04
N PHE H 10 -11.01 11.97 19.71
CA PHE H 10 -11.07 12.32 21.15
C PHE H 10 -11.30 13.82 21.31
N ALA H 11 -12.11 14.17 22.30
CA ALA H 11 -12.26 15.52 22.84
C ALA H 11 -11.71 15.46 24.26
N VAL H 12 -10.77 16.36 24.60
CA VAL H 12 -10.16 16.43 25.96
C VAL H 12 -10.53 17.75 26.62
N ILE H 13 -11.27 17.72 27.73
CA ILE H 13 -11.71 18.95 28.45
C ILE H 13 -11.16 18.92 29.88
N ASP H 14 -10.36 19.93 30.24
CA ASP H 14 -9.86 20.14 31.63
C ASP H 14 -10.98 20.72 32.51
N ARG H 15 -11.20 20.10 33.66
CA ARG H 15 -12.11 20.58 34.71
C ARG H 15 -11.36 20.59 36.04
N LYS H 16 -11.95 21.18 37.07
CA LYS H 16 -11.30 21.45 38.38
C LYS H 16 -10.77 20.14 38.96
N ASN H 17 -11.60 19.10 39.01
CA ASN H 17 -11.32 17.86 39.77
C ASN H 17 -10.99 16.69 38.83
N PHE H 18 -11.10 16.85 37.51
CA PHE H 18 -10.88 15.74 36.54
C PHE H 18 -10.66 16.28 35.14
N THR H 19 -10.14 15.44 34.24
CA THR H 19 -10.08 15.66 32.78
C THR H 19 -11.15 14.76 32.12
N LEU H 20 -12.02 15.34 31.31
CA LEU H 20 -12.98 14.54 30.48
C LEU H 20 -12.22 14.05 29.26
N ILE H 21 -12.16 12.74 29.04
CA ILE H 21 -11.73 12.14 27.74
C ILE H 21 -13.02 11.63 27.09
N HIS H 22 -13.48 12.30 26.04
CA HIS H 22 -14.72 11.93 25.31
C HIS H 22 -14.33 11.47 23.91
N PHE H 23 -14.70 10.25 23.51
CA PHE H 23 -14.43 9.79 22.13
C PHE H 23 -15.74 9.77 21.36
N GLU H 24 -15.62 9.82 20.04
CA GLU H 24 -16.74 9.65 19.09
C GLU H 24 -16.24 8.76 17.97
N ILE H 25 -17.00 7.72 17.69
CA ILE H 25 -16.69 6.67 16.68
C ILE H 25 -17.49 7.03 15.43
N GLU H 26 -16.86 6.99 14.26
CA GLU H 26 -17.44 7.41 12.94
C GLU H 26 -17.90 6.17 12.18
N LYS H 27 -17.22 5.04 12.36
CA LYS H 27 -17.65 3.75 11.78
C LYS H 27 -17.28 2.69 12.82
N PRO H 28 -17.89 1.49 12.76
CA PRO H 28 -17.59 0.46 13.75
C PRO H 28 -16.09 0.14 13.77
N ILE H 29 -15.55 -0.05 14.97
CA ILE H 29 -14.11 -0.27 15.18
C ILE H 29 -13.86 -1.76 15.47
N LYS H 30 -12.67 -2.22 15.12
CA LYS H 30 -12.17 -3.59 15.39
C LYS H 30 -11.14 -3.52 16.52
N PRO H 31 -11.00 -4.61 17.30
CA PRO H 31 -10.02 -4.68 18.39
C PRO H 31 -8.59 -4.28 17.99
N GLU H 32 -8.18 -4.56 16.74
CA GLU H 32 -6.86 -4.18 16.16
C GLU H 32 -6.55 -2.70 16.45
N ILE H 33 -7.57 -1.85 16.53
CA ILE H 33 -7.40 -0.37 16.76
C ILE H 33 -6.67 -0.13 18.08
N LEU H 34 -6.77 -1.05 19.05
CA LEU H 34 -6.15 -0.85 20.38
C LEU H 34 -4.62 -0.84 20.21
N LYS H 35 -4.06 -1.43 19.15
CA LYS H 35 -2.58 -1.41 18.89
C LYS H 35 -2.17 -0.09 18.25
N GLU H 36 -3.12 0.73 17.79
CA GLU H 36 -2.87 1.94 16.94
C GLU H 36 -3.30 3.23 17.66
N ILE H 37 -4.18 3.17 18.67
CA ILE H 37 -4.70 4.39 19.34
C ILE H 37 -3.51 5.13 19.99
N GLU H 38 -3.47 6.45 19.84
CA GLU H 38 -2.62 7.36 20.65
C GLU H 38 -3.50 7.93 21.79
N ILE H 39 -3.22 7.56 23.05
CA ILE H 39 -3.97 8.01 24.25
C ILE H 39 -3.73 9.52 24.39
N PRO H 40 -4.78 10.36 24.60
CA PRO H 40 -4.53 11.74 25.01
C PRO H 40 -3.73 11.81 26.31
N SER H 41 -2.72 12.69 26.35
CA SER H 41 -1.95 12.96 27.59
C SER H 41 -2.79 13.92 28.44
N VAL H 42 -2.78 13.72 29.75
CA VAL H 42 -3.66 14.44 30.70
C VAL H 42 -2.81 14.95 31.87
N ASP H 43 -3.36 15.85 32.66
CA ASP H 43 -2.78 16.19 33.98
C ASP H 43 -2.96 14.96 34.89
N THR H 44 -1.85 14.24 35.16
CA THR H 44 -1.86 12.94 35.90
C THR H 44 -2.15 13.15 37.38
N ARG H 45 -2.21 14.40 37.84
CA ARG H 45 -2.53 14.76 39.24
C ARG H 45 -4.05 14.91 39.42
N LYS H 46 -4.82 14.83 38.32
CA LYS H 46 -6.30 14.88 38.32
C LYS H 46 -6.83 13.54 37.79
N GLY H 47 -7.91 13.06 38.39
CA GLY H 47 -8.62 11.85 37.91
C GLY H 47 -9.20 12.07 36.53
N VAL H 48 -9.84 11.04 35.98
CA VAL H 48 -10.26 11.05 34.54
C VAL H 48 -11.70 10.54 34.49
N VAL H 49 -12.53 11.19 33.69
CA VAL H 49 -13.89 10.74 33.28
C VAL H 49 -13.77 10.38 31.81
N ILE H 50 -14.09 9.13 31.49
CA ILE H 50 -14.02 8.56 30.13
C ILE H 50 -15.47 8.44 29.66
N SER H 51 -15.74 8.96 28.50
CA SER H 51 -17.09 9.09 27.89
C SER H 51 -17.01 8.65 26.43
N GLY H 52 -18.02 7.92 25.98
CA GLY H 52 -18.21 7.67 24.55
C GLY H 52 -19.14 6.50 24.30
N ARG H 53 -19.89 6.59 23.21
CA ARG H 53 -20.74 5.51 22.67
C ARG H 53 -19.82 4.56 21.90
N GLY H 54 -19.42 3.46 22.54
CA GLY H 54 -18.39 2.56 22.03
C GLY H 54 -18.37 1.28 22.84
N PRO H 55 -17.66 0.26 22.31
CA PRO H 55 -17.67 -1.08 22.88
C PRO H 55 -17.08 -1.10 24.28
N ILE H 56 -17.55 -2.05 25.10
CA ILE H 56 -17.07 -2.24 26.50
C ILE H 56 -15.54 -2.43 26.45
N TRP H 57 -15.02 -3.19 25.48
CA TRP H 57 -13.55 -3.40 25.43
C TRP H 57 -12.79 -2.09 25.21
N LEU H 58 -13.33 -1.12 24.48
CA LEU H 58 -12.63 0.17 24.26
C LEU H 58 -12.57 0.90 25.61
N HIS H 59 -13.69 0.91 26.34
CA HIS H 59 -13.80 1.60 27.64
C HIS H 59 -12.87 0.97 28.67
N CYS H 60 -12.83 -0.36 28.76
CA CYS H 60 -11.90 -1.08 29.66
C CYS H 60 -10.45 -0.77 29.30
N PHE H 61 -10.09 -0.85 28.03
CA PHE H 61 -8.73 -0.50 27.59
C PHE H 61 -8.37 0.91 28.06
N LEU H 62 -9.24 1.88 27.74
CA LEU H 62 -8.99 3.30 28.09
C LEU H 62 -8.92 3.44 29.61
N ALA H 63 -9.81 2.81 30.38
CA ALA H 63 -9.79 2.95 31.86
C ALA H 63 -8.46 2.41 32.40
N HIS H 64 -7.91 1.34 31.81
CA HIS H 64 -6.59 0.79 32.23
C HIS H 64 -5.48 1.81 31.92
N LYS H 65 -5.57 2.52 30.80
CA LYS H 65 -4.53 3.48 30.35
C LYS H 65 -4.50 4.73 31.26
N TYR H 66 -5.51 4.97 32.10
CA TYR H 66 -5.53 6.13 33.01
C TYR H 66 -5.48 5.68 34.48
N ALA H 67 -5.15 4.41 34.73
CA ALA H 67 -5.05 3.85 36.10
C ALA H 67 -3.93 4.54 36.90
N HIS H 68 -3.02 5.25 36.23
CA HIS H 68 -1.87 5.96 36.86
C HIS H 68 -2.31 7.34 37.38
N THR H 69 -3.60 7.67 37.29
CA THR H 69 -4.15 8.95 37.75
C THR H 69 -4.86 8.69 39.06
N PRO H 70 -5.28 9.73 39.81
CA PRO H 70 -5.92 9.51 41.11
C PRO H 70 -7.19 8.66 41.06
N PHE H 71 -7.92 8.67 39.95
CA PHE H 71 -9.16 7.86 39.84
C PHE H 71 -9.60 7.82 38.38
N VAL H 72 -10.30 6.74 38.02
CA VAL H 72 -11.00 6.62 36.70
C VAL H 72 -12.50 6.46 36.98
N ALA H 73 -13.31 7.27 36.31
CA ALA H 73 -14.78 7.14 36.33
C ALA H 73 -15.27 6.98 34.89
N VAL H 74 -16.24 6.10 34.70
CA VAL H 74 -16.86 5.84 33.37
C VAL H 74 -18.19 6.60 33.30
N TYR H 75 -18.37 7.40 32.26
CA TYR H 75 -19.63 8.15 32.07
C TYR H 75 -20.76 7.16 31.78
N ASP H 76 -21.86 7.32 32.53
CA ASP H 76 -23.18 6.69 32.27
C ASP H 76 -24.18 7.83 32.05
N PRO H 77 -24.67 8.08 30.82
CA PRO H 77 -25.59 9.20 30.57
C PRO H 77 -26.85 9.33 31.47
N ARG H 78 -27.21 8.24 32.13
CA ARG H 78 -28.39 8.13 33.02
C ARG H 78 -28.08 8.71 34.39
N LEU H 79 -26.79 8.78 34.79
CA LEU H 79 -26.35 8.88 36.21
C LEU H 79 -25.28 9.96 36.39
N GLY H 80 -24.33 10.03 35.46
CA GLY H 80 -23.06 10.76 35.64
C GLY H 80 -21.88 9.80 35.51
N ALA H 81 -20.72 10.16 36.07
CA ALA H 81 -19.46 9.39 35.94
C ALA H 81 -19.34 8.45 37.13
N VAL H 82 -19.33 7.15 36.88
CA VAL H 82 -19.27 6.09 37.94
C VAL H 82 -17.79 5.79 38.17
N VAL H 83 -17.34 5.91 39.43
CA VAL H 83 -15.91 5.67 39.81
C VAL H 83 -15.69 4.17 39.80
N VAL H 84 -14.79 3.70 38.93
CA VAL H 84 -14.50 2.25 38.76
C VAL H 84 -13.14 1.93 39.41
N GLN H 85 -12.25 2.92 39.53
CA GLN H 85 -10.94 2.83 40.27
C GLN H 85 -10.73 4.13 41.06
N SER H 86 -10.32 4.07 42.35
CA SER H 86 -9.85 5.27 43.11
C SER H 86 -8.50 5.00 43.78
N HIS H 87 -7.68 6.06 43.84
CA HIS H 87 -6.48 6.22 44.72
C HIS H 87 -6.52 7.64 45.31
N SER H 88 -7.73 8.13 45.64
CA SER H 88 -8.09 9.50 46.06
C SER H 88 -9.15 9.43 47.18
N GLU H 89 -9.76 10.57 47.53
CA GLU H 89 -10.91 10.68 48.47
C GLU H 89 -12.18 10.03 47.90
N LEU H 90 -12.26 9.78 46.58
CA LEU H 90 -13.42 9.10 45.92
C LEU H 90 -13.36 7.59 46.21
N ARG H 91 -14.52 6.94 46.24
CA ARG H 91 -14.65 5.47 46.44
C ARG H 91 -15.24 4.86 45.17
N GLU H 92 -14.94 3.58 44.90
CA GLU H 92 -15.55 2.80 43.80
C GLU H 92 -17.06 2.79 44.02
N GLY H 93 -17.82 3.21 43.01
CA GLY H 93 -19.28 3.20 43.05
C GLY H 93 -19.85 4.57 43.34
N ASP H 94 -19.00 5.52 43.74
CA ASP H 94 -19.37 6.96 43.81
C ASP H 94 -19.74 7.43 42.40
N VAL H 95 -20.63 8.42 42.33
CA VAL H 95 -21.09 9.04 41.06
C VAL H 95 -20.75 10.51 41.12
N ILE H 96 -19.99 10.98 40.12
CA ILE H 96 -19.69 12.41 39.86
C ILE H 96 -20.85 12.97 39.03
N ASP H 97 -21.64 13.85 39.64
CA ASP H 97 -22.84 14.48 39.02
C ASP H 97 -22.40 15.45 37.91
N VAL H 98 -22.14 14.95 36.69
CA VAL H 98 -21.75 15.72 35.48
C VAL H 98 -22.59 15.27 34.26
N VAL H 99 -22.78 16.18 33.32
CA VAL H 99 -23.53 15.98 32.05
C VAL H 99 -22.54 16.28 30.92
N VAL H 100 -22.12 15.27 30.17
CA VAL H 100 -20.93 15.38 29.27
C VAL H 100 -21.20 16.44 28.20
N GLU H 101 -22.43 16.53 27.69
CA GLU H 101 -22.83 17.50 26.62
C GLU H 101 -22.66 18.93 27.15
N GLU H 102 -22.92 19.17 28.45
CA GLU H 102 -22.69 20.47 29.14
C GLU H 102 -21.19 20.78 29.25
N ILE H 103 -20.36 19.79 29.60
CA ILE H 103 -18.87 19.93 29.62
C ILE H 103 -18.36 20.19 28.19
N LEU H 104 -18.92 19.51 27.17
CA LEU H 104 -18.46 19.66 25.75
C LEU H 104 -18.95 20.99 25.14
N LYS H 105 -19.91 21.69 25.77
CA LYS H 105 -20.48 22.99 25.29
C LYS H 105 -19.86 24.14 26.10
N SER I 7 24.04 -13.47 26.64
CA SER I 7 24.69 -14.23 25.51
C SER I 7 26.07 -13.63 25.14
N MET I 8 26.37 -12.39 25.56
CA MET I 8 27.61 -11.66 25.18
C MET I 8 28.00 -10.65 26.27
N LYS I 9 29.30 -10.57 26.58
CA LYS I 9 29.87 -9.66 27.60
C LYS I 9 31.14 -9.00 27.06
N PHE I 10 31.39 -7.74 27.43
CA PHE I 10 32.56 -6.93 27.03
C PHE I 10 33.51 -6.77 28.22
N ALA I 11 34.81 -6.90 27.96
CA ALA I 11 35.90 -6.45 28.85
C ALA I 11 36.55 -5.22 28.21
N VAL I 12 36.47 -4.08 28.90
CA VAL I 12 37.00 -2.78 28.41
C VAL I 12 38.21 -2.43 29.29
N ILE I 13 39.39 -2.27 28.70
CA ILE I 13 40.64 -2.00 29.45
C ILE I 13 41.37 -0.84 28.76
N ASP I 14 41.67 0.21 29.54
CA ASP I 14 42.45 1.39 29.07
C ASP I 14 43.92 1.00 28.99
N ARG I 15 44.58 1.38 27.90
CA ARG I 15 46.04 1.24 27.69
C ARG I 15 46.53 2.58 27.15
N LYS I 16 47.85 2.80 27.10
CA LYS I 16 48.44 4.14 26.81
C LYS I 16 47.95 4.60 25.44
N ASN I 17 48.17 3.79 24.40
CA ASN I 17 47.92 4.17 22.97
C ASN I 17 46.56 3.63 22.44
N PHE I 18 45.76 2.94 23.27
CA PHE I 18 44.46 2.37 22.82
C PHE I 18 43.61 1.92 23.99
N THR I 19 42.31 1.72 23.73
CA THR I 19 41.37 0.98 24.59
C THR I 19 41.17 -0.40 23.96
N LEU I 20 41.30 -1.45 24.77
CA LEU I 20 41.00 -2.83 24.32
C LEU I 20 39.54 -3.09 24.59
N ILE I 21 38.80 -3.50 23.57
CA ILE I 21 37.41 -3.99 23.69
C ILE I 21 37.44 -5.48 23.35
N HIS I 22 37.33 -6.33 24.36
CA HIS I 22 37.34 -7.81 24.24
C HIS I 22 35.95 -8.31 24.58
N PHE I 23 35.31 -9.03 23.66
CA PHE I 23 33.96 -9.61 23.91
C PHE I 23 34.14 -11.12 24.12
N GLU I 24 33.27 -11.68 24.95
CA GLU I 24 33.06 -13.14 25.16
C GLU I 24 31.61 -13.45 24.79
N ILE I 25 31.40 -14.48 23.97
CA ILE I 25 30.05 -14.96 23.55
C ILE I 25 29.73 -16.23 24.34
N GLU I 26 28.72 -16.20 25.21
CA GLU I 26 28.30 -17.36 26.05
C GLU I 26 27.66 -18.40 25.13
N LYS I 27 26.61 -18.01 24.40
CA LYS I 27 25.85 -18.92 23.48
C LYS I 27 25.78 -18.28 22.10
N PRO I 28 25.67 -19.07 20.99
CA PRO I 28 25.68 -18.53 19.64
C PRO I 28 24.68 -17.37 19.46
N ILE I 29 25.09 -16.34 18.71
CA ILE I 29 24.31 -15.08 18.51
C ILE I 29 23.72 -15.08 17.10
N LYS I 30 22.56 -14.43 16.97
CA LYS I 30 21.84 -14.13 15.71
C LYS I 30 22.14 -12.67 15.31
N PRO I 31 22.11 -12.31 14.00
CA PRO I 31 22.36 -10.94 13.55
C PRO I 31 21.50 -9.86 14.23
N GLU I 32 20.25 -10.19 14.55
CA GLU I 32 19.28 -9.37 15.33
C GLU I 32 19.98 -8.68 16.51
N ILE I 33 20.99 -9.29 17.12
CA ILE I 33 21.65 -8.77 18.35
C ILE I 33 22.30 -7.41 18.05
N LEU I 34 22.78 -7.19 16.83
CA LEU I 34 23.40 -5.91 16.42
C LEU I 34 22.42 -4.75 16.69
N LYS I 35 21.11 -5.00 16.61
CA LYS I 35 20.04 -3.98 16.89
C LYS I 35 19.98 -3.66 18.39
N GLU I 36 20.46 -4.55 19.25
CA GLU I 36 20.23 -4.52 20.72
C GLU I 36 21.52 -4.21 21.50
N ILE I 37 22.69 -4.32 20.87
CA ILE I 37 24.01 -4.21 21.58
C ILE I 37 24.22 -2.78 22.07
N GLU I 38 24.67 -2.60 23.31
CA GLU I 38 25.19 -1.32 23.87
C GLU I 38 26.71 -1.30 23.67
N ILE I 39 27.18 -0.51 22.70
CA ILE I 39 28.63 -0.25 22.41
C ILE I 39 29.26 0.33 23.68
N PRO I 40 30.33 -0.28 24.24
CA PRO I 40 31.10 0.38 25.31
C PRO I 40 31.58 1.79 24.89
N SER I 41 31.43 2.76 25.78
CA SER I 41 32.01 4.11 25.59
C SER I 41 33.50 4.04 25.93
N VAL I 42 34.30 4.80 25.20
CA VAL I 42 35.78 4.82 25.29
C VAL I 42 36.23 6.27 25.26
N ASP I 43 37.47 6.48 25.65
CA ASP I 43 38.22 7.72 25.41
C ASP I 43 38.42 7.85 23.89
N THR I 44 37.67 8.76 23.25
CA THR I 44 37.61 8.93 21.77
C THR I 44 38.94 9.51 21.28
N ARG I 45 39.81 9.95 22.18
CA ARG I 45 41.14 10.53 21.83
C ARG I 45 42.22 9.44 21.74
N LYS I 46 41.89 8.18 22.06
CA LYS I 46 42.75 6.98 21.84
C LYS I 46 42.06 6.00 20.88
N GLY I 47 42.85 5.31 20.03
CA GLY I 47 42.37 4.26 19.12
C GLY I 47 41.82 3.07 19.87
N VAL I 48 41.22 2.11 19.17
CA VAL I 48 40.48 0.98 19.80
C VAL I 48 41.03 -0.34 19.20
N VAL I 49 41.27 -1.32 20.07
CA VAL I 49 41.62 -2.70 19.64
C VAL I 49 40.40 -3.56 19.94
N ILE I 50 39.87 -4.19 18.92
CA ILE I 50 38.70 -5.09 19.11
C ILE I 50 39.20 -6.54 19.11
N SER I 51 38.79 -7.28 20.14
CA SER I 51 39.22 -8.70 20.34
C SER I 51 37.98 -9.53 20.68
N GLY I 52 37.96 -10.78 20.23
CA GLY I 52 36.91 -11.74 20.64
C GLY I 52 36.70 -12.82 19.60
N ARG I 53 36.30 -14.01 20.06
CA ARG I 53 35.88 -15.13 19.19
C ARG I 53 34.42 -14.91 18.84
N GLY I 54 34.16 -14.50 17.60
CA GLY I 54 32.82 -14.12 17.15
C GLY I 54 32.75 -13.96 15.64
N PRO I 55 31.55 -13.96 15.09
CA PRO I 55 31.37 -13.91 13.65
C PRO I 55 31.99 -12.62 13.08
N ILE I 56 32.60 -12.72 11.90
CA ILE I 56 33.21 -11.59 11.13
C ILE I 56 32.23 -10.40 11.14
N TRP I 57 30.92 -10.63 11.02
CA TRP I 57 29.92 -9.53 10.99
C TRP I 57 29.82 -8.78 12.32
N LEU I 58 30.08 -9.44 13.47
CA LEU I 58 30.13 -8.73 14.76
C LEU I 58 31.39 -7.87 14.78
N HIS I 59 32.51 -8.39 14.32
CA HIS I 59 33.79 -7.63 14.23
C HIS I 59 33.59 -6.40 13.34
N CYS I 60 32.92 -6.55 12.20
CA CYS I 60 32.74 -5.45 11.22
C CYS I 60 31.81 -4.39 11.82
N PHE I 61 30.72 -4.82 12.44
CA PHE I 61 29.78 -3.95 13.18
C PHE I 61 30.57 -3.11 14.18
N LEU I 62 31.38 -3.74 15.04
CA LEU I 62 32.05 -3.01 16.16
C LEU I 62 33.08 -2.08 15.58
N ALA I 63 33.82 -2.52 14.57
CA ALA I 63 34.88 -1.74 13.92
C ALA I 63 34.28 -0.43 13.41
N HIS I 64 33.08 -0.50 12.81
CA HIS I 64 32.39 0.71 12.26
C HIS I 64 31.98 1.65 13.41
N LYS I 65 31.57 1.10 14.55
CA LYS I 65 31.11 1.90 15.72
C LYS I 65 32.26 2.69 16.37
N TYR I 66 33.53 2.37 16.11
CA TYR I 66 34.69 3.09 16.70
C TYR I 66 35.45 3.85 15.61
N ALA I 67 34.82 4.07 14.45
CA ALA I 67 35.42 4.82 13.31
C ALA I 67 35.69 6.28 13.68
N HIS I 68 35.07 6.76 14.76
CA HIS I 68 35.20 8.16 15.29
C HIS I 68 36.45 8.32 16.18
N THR I 69 37.23 7.24 16.41
CA THR I 69 38.50 7.26 17.18
C THR I 69 39.69 7.32 16.23
N PRO I 70 40.93 7.59 16.73
CA PRO I 70 42.12 7.75 15.89
C PRO I 70 42.44 6.59 14.94
N PHE I 71 42.18 5.38 15.39
CA PHE I 71 42.39 4.14 14.59
C PHE I 71 41.56 3.01 15.18
N VAL I 72 41.30 2.03 14.33
CA VAL I 72 40.69 0.75 14.76
C VAL I 72 41.60 -0.39 14.30
N ALA I 73 41.95 -1.25 15.25
CA ALA I 73 42.71 -2.49 15.00
C ALA I 73 41.91 -3.71 15.46
N VAL I 74 42.04 -4.78 14.71
CA VAL I 74 41.36 -6.06 15.02
C VAL I 74 42.41 -7.04 15.55
N TYR I 75 42.19 -7.60 16.73
CA TYR I 75 43.13 -8.58 17.33
C TYR I 75 43.12 -9.88 16.52
N ASP I 76 44.31 -10.27 16.06
CA ASP I 76 44.68 -11.61 15.52
C ASP I 76 45.65 -12.26 16.50
N PRO I 77 45.24 -13.33 17.22
CA PRO I 77 46.14 -14.02 18.17
C PRO I 77 47.49 -14.44 17.60
N ARG I 78 47.53 -14.66 16.28
CA ARG I 78 48.77 -15.05 15.56
C ARG I 78 49.74 -13.88 15.45
N LEU I 79 49.26 -12.64 15.56
CA LEU I 79 50.05 -11.46 15.09
C LEU I 79 50.14 -10.36 16.14
N GLY I 80 49.04 -10.05 16.83
CA GLY I 80 48.79 -8.78 17.53
C GLY I 80 47.61 -8.07 16.88
N ALA I 81 47.46 -6.76 17.08
CA ALA I 81 46.27 -6.02 16.61
C ALA I 81 46.60 -5.45 15.22
N VAL I 82 45.83 -5.85 14.21
CA VAL I 82 46.01 -5.37 12.81
C VAL I 82 45.14 -4.12 12.63
N VAL I 83 45.78 -3.02 12.24
CA VAL I 83 45.09 -1.72 12.00
C VAL I 83 44.30 -1.87 10.72
N VAL I 84 42.99 -1.76 10.84
CA VAL I 84 42.06 -1.94 9.68
C VAL I 84 41.52 -0.57 9.23
N GLN I 85 41.57 0.45 10.10
CA GLN I 85 41.20 1.87 9.79
C GLN I 85 42.17 2.78 10.54
N SER I 86 42.88 3.62 9.81
CA SER I 86 43.69 4.76 10.32
C SER I 86 42.94 6.04 9.92
N HIS I 87 42.51 6.84 10.88
CA HIS I 87 41.81 8.12 10.63
C HIS I 87 42.86 9.21 10.87
N SER I 88 43.28 9.39 12.13
CA SER I 88 44.31 10.38 12.52
C SER I 88 45.69 9.74 12.73
N GLU I 89 45.80 8.41 12.90
CA GLU I 89 47.03 7.72 13.41
C GLU I 89 47.29 6.36 12.70
N LEU I 90 48.57 5.95 12.70
CA LEU I 90 49.09 4.63 12.21
C LEU I 90 48.73 4.49 10.74
N ARG I 91 48.96 3.32 10.14
CA ARG I 91 48.55 3.04 8.74
C ARG I 91 47.84 1.68 8.69
N GLU I 92 46.90 1.52 7.76
CA GLU I 92 46.18 0.26 7.50
C GLU I 92 47.23 -0.84 7.27
N GLY I 93 47.13 -1.96 7.99
CA GLY I 93 48.00 -3.14 7.80
C GLY I 93 49.20 -3.15 8.73
N ASP I 94 49.50 -2.06 9.43
CA ASP I 94 50.42 -2.08 10.60
C ASP I 94 49.87 -3.08 11.63
N VAL I 95 50.77 -3.64 12.44
CA VAL I 95 50.46 -4.59 13.55
C VAL I 95 50.98 -3.95 14.83
N ILE I 96 50.13 -3.85 15.85
CA ILE I 96 50.50 -3.46 17.22
C ILE I 96 50.78 -4.75 17.98
N ASP I 97 52.04 -4.97 18.39
CA ASP I 97 52.47 -6.18 19.15
C ASP I 97 51.82 -6.17 20.53
N VAL I 98 50.60 -6.69 20.64
CA VAL I 98 49.94 -6.92 21.96
C VAL I 98 49.51 -8.38 21.99
N VAL I 99 49.44 -8.90 23.21
CA VAL I 99 48.90 -10.26 23.53
C VAL I 99 47.72 -9.97 24.44
N VAL I 100 46.50 -10.32 24.04
CA VAL I 100 45.25 -9.87 24.71
C VAL I 100 45.14 -10.52 26.10
N GLU I 101 45.57 -11.77 26.25
CA GLU I 101 45.43 -12.55 27.51
C GLU I 101 46.26 -11.85 28.61
N GLU I 102 47.47 -11.42 28.26
CA GLU I 102 48.32 -10.59 29.16
C GLU I 102 47.51 -9.36 29.59
N ILE I 103 46.98 -8.58 28.64
CA ILE I 103 46.24 -7.31 28.95
C ILE I 103 45.04 -7.63 29.85
N LEU I 104 44.33 -8.73 29.61
CA LEU I 104 43.12 -9.14 30.39
C LEU I 104 43.54 -9.55 31.81
N SER J 7 48.38 -13.93 -4.76
CA SER J 7 48.02 -14.40 -3.39
C SER J 7 46.55 -14.12 -3.05
N MET J 8 45.92 -13.14 -3.72
CA MET J 8 44.49 -12.77 -3.49
C MET J 8 43.86 -12.25 -4.80
N LYS J 9 42.66 -12.71 -5.14
CA LYS J 9 41.90 -12.25 -6.34
C LYS J 9 40.51 -11.79 -5.89
N PHE J 10 39.90 -10.84 -6.61
CA PHE J 10 38.52 -10.36 -6.37
C PHE J 10 37.64 -10.75 -7.56
N ALA J 11 36.38 -11.14 -7.28
CA ALA J 11 35.28 -11.30 -8.25
C ALA J 11 34.20 -10.27 -7.90
N VAL J 12 33.93 -9.34 -8.83
CA VAL J 12 32.97 -8.21 -8.67
C VAL J 12 31.75 -8.51 -9.54
N ILE J 13 30.58 -8.67 -8.93
CA ILE J 13 29.33 -9.10 -9.60
C ILE J 13 28.23 -8.09 -9.25
N ASP J 14 27.71 -7.41 -10.27
CA ASP J 14 26.63 -6.40 -10.15
C ASP J 14 25.29 -7.12 -9.96
N ARG J 15 24.55 -6.78 -8.91
CA ARG J 15 23.15 -7.23 -8.70
C ARG J 15 22.26 -5.98 -8.70
N LYS J 16 20.94 -6.17 -8.58
CA LYS J 16 19.95 -5.06 -8.65
C LYS J 16 20.27 -4.03 -7.57
N ASN J 17 20.40 -4.49 -6.33
CA ASN J 17 20.35 -3.64 -5.11
C ASN J 17 21.71 -3.65 -4.40
N PHE J 18 22.76 -4.22 -5.00
CA PHE J 18 24.12 -4.27 -4.39
C PHE J 18 25.15 -4.79 -5.39
N THR J 19 26.42 -4.56 -5.07
CA THR J 19 27.60 -5.15 -5.76
C THR J 19 28.18 -6.20 -4.81
N LEU J 20 28.32 -7.44 -5.30
CA LEU J 20 29.02 -8.53 -4.58
C LEU J 20 30.52 -8.35 -4.77
N ILE J 21 31.27 -8.21 -3.67
CA ILE J 21 32.76 -8.25 -3.68
C ILE J 21 33.19 -9.56 -3.00
N HIS J 22 33.67 -10.51 -3.79
CA HIS J 22 34.11 -11.85 -3.30
C HIS J 22 35.61 -12.00 -3.56
N PHE J 23 36.39 -12.18 -2.51
CA PHE J 23 37.86 -12.46 -2.61
C PHE J 23 38.14 -13.96 -2.42
N GLU J 24 39.19 -14.44 -3.10
CA GLU J 24 39.78 -15.79 -2.95
C GLU J 24 41.25 -15.60 -2.58
N ILE J 25 41.70 -16.15 -1.45
CA ILE J 25 43.13 -16.15 -1.03
C ILE J 25 43.75 -17.48 -1.50
N GLU J 26 44.84 -17.40 -2.27
CA GLU J 26 45.58 -18.56 -2.85
C GLU J 26 46.57 -19.09 -1.81
N LYS J 27 47.33 -18.20 -1.16
CA LYS J 27 48.32 -18.53 -0.09
C LYS J 27 48.08 -17.60 1.11
N PRO J 28 48.46 -17.98 2.35
CA PRO J 28 48.25 -17.12 3.51
C PRO J 28 48.80 -15.71 3.31
N ILE J 29 48.07 -14.72 3.82
CA ILE J 29 48.39 -13.27 3.63
C ILE J 29 48.93 -12.70 4.94
N LYS J 30 49.79 -11.69 4.83
CA LYS J 30 50.32 -10.86 5.93
C LYS J 30 49.52 -9.56 5.95
N PRO J 31 49.40 -8.87 7.11
CA PRO J 31 48.76 -7.54 7.18
C PRO J 31 49.29 -6.51 6.16
N GLU J 32 50.59 -6.54 5.87
CA GLU J 32 51.29 -5.65 4.90
C GLU J 32 50.48 -5.50 3.61
N ILE J 33 49.74 -6.54 3.21
CA ILE J 33 48.93 -6.57 1.97
C ILE J 33 47.88 -5.45 1.98
N LEU J 34 47.42 -5.00 3.16
CA LEU J 34 46.37 -3.94 3.27
C LEU J 34 46.88 -2.65 2.60
N LYS J 35 48.17 -2.34 2.75
CA LYS J 35 48.87 -1.17 2.14
C LYS J 35 48.93 -1.30 0.60
N GLU J 36 48.87 -2.53 0.07
CA GLU J 36 49.13 -2.80 -1.37
C GLU J 36 47.82 -3.17 -2.09
N ILE J 37 46.74 -3.49 -1.37
CA ILE J 37 45.46 -4.02 -1.95
C ILE J 37 44.86 -2.96 -2.89
N GLU J 38 44.59 -3.30 -4.15
CA GLU J 38 43.85 -2.44 -5.10
C GLU J 38 42.35 -2.74 -4.94
N ILE J 39 41.60 -1.80 -4.34
CA ILE J 39 40.16 -1.95 -3.98
C ILE J 39 39.35 -1.86 -5.26
N PRO J 40 38.54 -2.89 -5.59
CA PRO J 40 37.60 -2.78 -6.71
C PRO J 40 36.68 -1.54 -6.59
N SER J 41 36.54 -0.78 -7.68
CA SER J 41 35.62 0.37 -7.76
C SER J 41 34.22 -0.17 -8.01
N VAL J 42 33.23 0.42 -7.36
CA VAL J 42 31.80 -0.01 -7.45
C VAL J 42 30.94 1.23 -7.71
N ASP J 43 29.73 1.01 -8.23
CA ASP J 43 28.62 1.99 -8.24
C ASP J 43 28.32 2.37 -6.78
N THR J 44 28.77 3.56 -6.34
CA THR J 44 28.71 4.02 -4.93
C THR J 44 27.27 4.36 -4.57
N ARG J 45 26.35 4.34 -5.52
CA ARG J 45 24.91 4.55 -5.23
C ARG J 45 24.24 3.21 -4.91
N LYS J 46 24.98 2.09 -4.92
CA LYS J 46 24.44 0.77 -4.47
C LYS J 46 25.28 0.26 -3.29
N GLY J 47 24.65 -0.40 -2.31
CA GLY J 47 25.34 -1.05 -1.18
C GLY J 47 26.28 -2.15 -1.64
N VAL J 48 27.06 -2.72 -0.72
CA VAL J 48 28.11 -3.73 -1.04
C VAL J 48 27.96 -4.95 -0.13
N VAL J 49 28.02 -6.14 -0.71
CA VAL J 49 28.08 -7.42 0.06
C VAL J 49 29.51 -7.91 -0.05
N ILE J 50 30.20 -8.08 1.08
CA ILE J 50 31.59 -8.59 1.09
C ILE J 50 31.58 -10.08 1.48
N SER J 51 32.30 -10.88 0.70
CA SER J 51 32.39 -12.37 0.79
C SER J 51 33.83 -12.80 0.59
N GLY J 52 34.26 -13.82 1.33
CA GLY J 52 35.58 -14.46 1.15
C GLY J 52 36.03 -15.16 2.43
N ARG J 53 36.74 -16.28 2.28
CA ARG J 53 37.41 -16.99 3.39
C ARG J 53 38.72 -16.28 3.64
N GLY J 54 38.77 -15.49 4.69
CA GLY J 54 39.95 -14.66 4.97
C GLY J 54 39.88 -14.11 6.37
N PRO J 55 41.00 -13.57 6.87
CA PRO J 55 41.07 -13.11 8.25
C PRO J 55 40.05 -11.99 8.54
N ILE J 56 39.65 -11.88 9.80
CA ILE J 56 38.66 -10.87 10.28
C ILE J 56 39.18 -9.49 9.87
N TRP J 57 40.49 -9.26 9.96
CA TRP J 57 41.13 -7.94 9.70
C TRP J 57 41.05 -7.62 8.21
N LEU J 58 40.99 -8.61 7.34
CA LEU J 58 40.79 -8.34 5.90
C LEU J 58 39.33 -7.92 5.70
N HIS J 59 38.39 -8.56 6.38
CA HIS J 59 36.95 -8.23 6.22
C HIS J 59 36.67 -6.81 6.73
N CYS J 60 37.22 -6.47 7.88
CA CYS J 60 37.05 -5.14 8.54
C CYS J 60 37.67 -4.04 7.66
N PHE J 61 38.86 -4.30 7.13
CA PHE J 61 39.53 -3.39 6.17
C PHE J 61 38.56 -3.08 5.03
N LEU J 62 38.04 -4.11 4.37
CA LEU J 62 37.17 -3.99 3.17
C LEU J 62 35.85 -3.30 3.55
N ALA J 63 35.25 -3.67 4.67
CA ALA J 63 33.95 -3.09 5.10
C ALA J 63 34.11 -1.57 5.24
N HIS J 64 35.22 -1.12 5.84
CA HIS J 64 35.51 0.33 6.03
C HIS J 64 35.69 0.96 4.65
N LYS J 65 36.32 0.27 3.70
CA LYS J 65 36.64 0.80 2.35
C LYS J 65 35.36 1.01 1.50
N TYR J 66 34.21 0.46 1.91
CA TYR J 66 32.91 0.65 1.19
C TYR J 66 31.86 1.32 2.11
N ALA J 67 32.31 1.86 3.23
CA ALA J 67 31.47 2.63 4.18
C ALA J 67 30.83 3.84 3.48
N HIS J 68 31.41 4.32 2.38
CA HIS J 68 30.89 5.50 1.62
C HIS J 68 29.75 5.10 0.66
N THR J 69 29.29 3.84 0.70
CA THR J 69 28.12 3.35 -0.10
C THR J 69 26.91 3.34 0.80
N PRO J 70 25.69 3.08 0.29
CA PRO J 70 24.48 3.08 1.12
C PRO J 70 24.44 2.05 2.25
N PHE J 71 25.17 0.96 2.14
CA PHE J 71 25.24 -0.07 3.21
C PHE J 71 26.37 -1.05 2.92
N VAL J 72 26.88 -1.65 3.98
CA VAL J 72 27.89 -2.75 3.89
C VAL J 72 27.28 -3.97 4.60
N ALA J 73 27.21 -5.10 3.90
CA ALA J 73 26.78 -6.40 4.44
C ALA J 73 27.95 -7.38 4.33
N VAL J 74 28.11 -8.20 5.38
CA VAL J 74 29.18 -9.23 5.44
C VAL J 74 28.52 -10.61 5.26
N TYR J 75 28.97 -11.35 4.25
CA TYR J 75 28.41 -12.67 3.90
C TYR J 75 28.78 -13.66 5.00
N ASP J 76 27.75 -14.27 5.61
CA ASP J 76 27.85 -15.46 6.49
C ASP J 76 27.20 -16.63 5.75
N PRO J 77 27.96 -17.65 5.29
CA PRO J 77 27.39 -18.79 4.55
C PRO J 77 26.26 -19.52 5.30
N ARG J 78 26.16 -19.34 6.61
CA ARG J 78 25.10 -19.95 7.45
C ARG J 78 23.77 -19.20 7.28
N LEU J 79 23.80 -17.92 6.90
CA LEU J 79 22.63 -17.00 7.04
C LEU J 79 22.31 -16.23 5.74
N GLY J 80 23.33 -15.80 5.00
CA GLY J 80 23.22 -14.68 4.02
C GLY J 80 24.09 -13.50 4.41
N ALA J 81 23.81 -12.32 3.86
CA ALA J 81 24.70 -11.13 3.98
C ALA J 81 24.20 -10.34 5.18
N VAL J 82 25.01 -10.21 6.22
CA VAL J 82 24.57 -9.56 7.48
C VAL J 82 24.91 -8.07 7.37
N VAL J 83 23.91 -7.22 7.48
CA VAL J 83 24.11 -5.75 7.34
C VAL J 83 24.87 -5.25 8.57
N VAL J 84 26.08 -4.73 8.38
CA VAL J 84 26.92 -4.25 9.52
C VAL J 84 26.94 -2.71 9.58
N GLN J 85 26.66 -2.02 8.47
CA GLN J 85 26.48 -0.54 8.40
C GLN J 85 25.35 -0.25 7.40
N SER J 86 24.38 0.63 7.72
CA SER J 86 23.37 1.12 6.74
C SER J 86 23.18 2.65 6.77
N HIS J 87 23.16 3.27 5.58
CA HIS J 87 22.62 4.63 5.31
C HIS J 87 21.48 4.54 4.29
N SER J 88 20.73 3.43 4.34
CA SER J 88 19.62 3.07 3.43
C SER J 88 18.42 2.60 4.27
N GLU J 89 17.41 1.99 3.65
CA GLU J 89 16.23 1.44 4.37
C GLU J 89 16.60 0.14 5.11
N LEU J 90 17.71 -0.52 4.74
CA LEU J 90 18.30 -1.64 5.52
C LEU J 90 18.74 -1.13 6.89
N ARG J 91 18.59 -1.96 7.91
CA ARG J 91 19.08 -1.70 9.29
C ARG J 91 20.18 -2.71 9.63
N GLU J 92 21.13 -2.32 10.48
CA GLU J 92 22.20 -3.19 11.02
C GLU J 92 21.52 -4.42 11.66
N GLY J 93 22.00 -5.61 11.33
CA GLY J 93 21.41 -6.87 11.81
C GLY J 93 20.44 -7.49 10.82
N ASP J 94 19.92 -6.73 9.86
CA ASP J 94 19.11 -7.29 8.76
C ASP J 94 20.01 -8.28 8.01
N VAL J 95 19.39 -9.32 7.45
CA VAL J 95 20.09 -10.35 6.66
C VAL J 95 19.59 -10.22 5.24
N ILE J 96 20.49 -10.09 4.27
CA ILE J 96 20.12 -10.18 2.84
C ILE J 96 20.15 -11.67 2.46
N ASP J 97 19.01 -12.19 2.02
CA ASP J 97 18.86 -13.61 1.62
C ASP J 97 19.57 -13.86 0.30
N VAL J 98 20.84 -14.17 0.35
CA VAL J 98 21.65 -14.51 -0.85
C VAL J 98 22.52 -15.72 -0.53
N VAL J 99 22.83 -16.50 -1.55
CA VAL J 99 23.77 -17.66 -1.53
C VAL J 99 24.89 -17.32 -2.51
N VAL J 100 26.09 -17.04 -2.01
CA VAL J 100 27.21 -16.47 -2.81
C VAL J 100 27.62 -17.44 -3.92
N GLU J 101 27.52 -18.75 -3.69
CA GLU J 101 27.88 -19.75 -4.72
C GLU J 101 26.94 -19.57 -5.93
N GLU J 102 25.65 -19.36 -5.67
CA GLU J 102 24.61 -19.17 -6.73
C GLU J 102 24.96 -17.92 -7.54
N ILE J 103 25.38 -16.83 -6.86
CA ILE J 103 25.74 -15.53 -7.49
C ILE J 103 27.07 -15.68 -8.25
N LEU J 104 27.91 -16.64 -7.85
CA LEU J 104 29.14 -17.00 -8.61
C LEU J 104 28.79 -18.11 -9.60
#